data_3EN0
#
_entry.id   3EN0
#
_cell.length_a   75.847
_cell.length_b   133.008
_cell.length_c   164.306
_cell.angle_alpha   90.00
_cell.angle_beta   90.00
_cell.angle_gamma   90.00
#
_symmetry.space_group_name_H-M   'C 2 2 21'
#
loop_
_entity.id
_entity.type
_entity.pdbx_description
1 polymer Cyanophycinase
2 non-polymer 'SULFATE ION'
3 water water
#
_entity_poly.entity_id   1
_entity_poly.type   'polypeptide(L)'
_entity_poly.pdbx_seq_one_letter_code
;MGSSHHHHHHSSGLVPRGSHMPLSSQPAILIIGGAEDKVHGREILQTFWSRSGGNDAIIGIIPSASREPLLIGERYQTIF
SDMGVKELKVLDIRDRAQGDDSGYRLFVEQCTGIFMTGGDQLRLCGLLADTPLMDRIRQRVHNGEISLAGTSAGAAVMGH
HMIAGGSSGEWPNRALVDMAVGLGIVPEIVVDQHFHNRNRMARLLSAISTHPELLGLGIDEDTCAMFERDGSVKVIGQGT
VSFVDARDMSYTNAALVGANAPLSLHNLRLNILVHGEVYHQVKQRAFPRVT
;
_entity_poly.pdbx_strand_id   A,B,C
#
# COMPACT_ATOMS: atom_id res chain seq x y z
N SER A 24 22.83 14.18 -28.48
CA SER A 24 22.68 15.47 -27.75
C SER A 24 22.18 16.59 -28.67
N SER A 25 22.43 16.47 -29.97
CA SER A 25 21.71 17.28 -30.95
C SER A 25 21.20 16.46 -32.16
N GLN A 26 21.17 15.13 -32.02
CA GLN A 26 20.63 14.23 -33.05
C GLN A 26 19.10 14.40 -33.11
N PRO A 27 18.52 14.51 -34.32
CA PRO A 27 17.06 14.62 -34.40
C PRO A 27 16.30 13.54 -33.64
N ALA A 28 15.18 13.95 -33.04
CA ALA A 28 14.34 13.03 -32.29
C ALA A 28 12.89 13.48 -32.35
N ILE A 29 12.01 12.64 -31.83
CA ILE A 29 10.59 12.94 -31.74
C ILE A 29 10.28 13.01 -30.25
N LEU A 30 9.83 14.17 -29.78
CA LEU A 30 9.54 14.38 -28.36
C LEU A 30 8.04 14.43 -28.18
N ILE A 31 7.50 13.46 -27.44
CA ILE A 31 6.07 13.34 -27.18
C ILE A 31 5.84 13.76 -25.72
N ILE A 32 5.20 14.91 -25.56
CA ILE A 32 5.18 15.61 -24.27
C ILE A 32 3.76 15.57 -23.71
N GLY A 33 3.64 15.21 -22.43
CA GLY A 33 2.34 14.96 -21.82
C GLY A 33 1.51 16.15 -21.42
N GLY A 34 1.88 17.34 -21.88
CA GLY A 34 1.14 18.54 -21.57
C GLY A 34 1.66 19.26 -20.35
N ALA A 35 1.28 20.55 -20.24
CA ALA A 35 1.62 21.37 -19.08
C ALA A 35 3.10 21.31 -18.72
N GLU A 36 3.94 21.31 -19.75
CA GLU A 36 5.37 21.24 -19.53
C GLU A 36 5.90 22.56 -18.98
N ASP A 37 7.03 22.47 -18.28
CA ASP A 37 7.64 23.64 -17.63
C ASP A 37 8.00 24.69 -18.66
N LYS A 38 7.40 25.87 -18.51
CA LYS A 38 7.67 26.99 -19.38
C LYS A 38 8.37 28.14 -18.64
N VAL A 39 8.73 27.91 -17.37
CA VAL A 39 9.18 28.97 -16.47
C VAL A 39 10.56 28.73 -15.85
N HIS A 40 10.82 27.52 -15.39
CA HIS A 40 12.04 27.25 -14.62
C HIS A 40 13.15 26.70 -15.54
N GLY A 41 13.60 25.47 -15.35
CA GLY A 41 14.65 24.91 -16.18
C GLY A 41 14.19 24.64 -17.60
N ARG A 42 12.88 24.49 -17.79
CA ARG A 42 12.30 24.17 -19.11
C ARG A 42 13.04 22.99 -19.77
N GLU A 43 13.28 21.93 -19.00
CA GLU A 43 14.19 20.87 -19.46
C GLU A 43 13.72 20.21 -20.76
N ILE A 44 12.42 19.90 -20.84
CA ILE A 44 11.85 19.27 -22.02
C ILE A 44 11.96 20.22 -23.23
N LEU A 45 11.55 21.47 -23.06
CA LEU A 45 11.61 22.44 -24.17
C LEU A 45 13.05 22.69 -24.60
N GLN A 46 13.98 22.73 -23.64
CA GLN A 46 15.41 22.89 -23.92
C GLN A 46 15.96 21.72 -24.71
N THR A 47 15.47 20.51 -24.43
CA THR A 47 15.91 19.33 -25.17
C THR A 47 15.47 19.41 -26.63
N PHE A 48 14.22 19.83 -26.84
CA PHE A 48 13.74 20.01 -28.21
C PHE A 48 14.60 21.04 -28.94
N TRP A 49 14.88 22.14 -28.26
CA TRP A 49 15.75 23.17 -28.80
C TRP A 49 17.12 22.62 -29.20
N SER A 50 17.75 21.88 -28.31
CA SER A 50 19.07 21.27 -28.58
C SER A 50 19.02 20.31 -29.78
N ARG A 51 18.00 19.43 -29.83
CA ARG A 51 17.89 18.46 -30.91
C ARG A 51 17.46 19.11 -32.23
N SER A 52 17.06 20.37 -32.16
CA SER A 52 16.74 21.15 -33.35
C SER A 52 17.92 21.99 -33.85
N GLY A 53 19.07 21.86 -33.19
CA GLY A 53 20.28 22.58 -33.61
C GLY A 53 20.68 23.73 -32.70
N GLY A 54 19.94 23.93 -31.62
CA GLY A 54 20.28 24.92 -30.61
C GLY A 54 20.32 26.33 -31.17
N ASN A 55 21.43 27.04 -30.98
CA ASN A 55 21.54 28.39 -31.53
C ASN A 55 21.38 28.46 -33.05
N ASP A 56 21.56 27.33 -33.72
CA ASP A 56 21.37 27.24 -35.17
C ASP A 56 19.96 26.79 -35.58
N ALA A 57 19.07 26.58 -34.62
CA ALA A 57 17.76 26.04 -34.90
C ALA A 57 16.92 26.95 -35.77
N ILE A 58 16.19 26.33 -36.68
CA ILE A 58 15.15 27.00 -37.46
C ILE A 58 13.85 26.24 -37.14
N ILE A 59 13.02 26.85 -36.30
CA ILE A 59 11.86 26.17 -35.69
C ILE A 59 10.50 26.73 -36.12
N GLY A 60 9.63 25.84 -36.59
CA GLY A 60 8.26 26.16 -36.88
C GLY A 60 7.35 25.70 -35.76
N ILE A 61 6.43 26.57 -35.36
CA ILE A 61 5.48 26.31 -34.31
C ILE A 61 4.12 26.19 -34.97
N ILE A 62 3.45 25.06 -34.74
CA ILE A 62 2.11 24.83 -35.27
C ILE A 62 1.13 24.93 -34.11
N PRO A 63 0.36 26.02 -34.06
CA PRO A 63 -0.61 26.23 -33.00
C PRO A 63 -2.03 25.82 -33.39
N SER A 64 -2.19 25.11 -34.50
CA SER A 64 -3.52 24.83 -35.05
C SER A 64 -4.47 24.03 -34.14
N ALA A 65 -3.95 23.30 -33.16
CA ALA A 65 -4.81 22.62 -32.19
C ALA A 65 -5.65 23.62 -31.37
N SER A 66 -5.14 24.84 -31.24
CA SER A 66 -5.68 25.83 -30.32
C SER A 66 -6.67 26.79 -30.96
N ARG A 67 -7.64 27.24 -30.16
CA ARG A 67 -8.57 28.29 -30.57
C ARG A 67 -8.05 29.68 -30.19
N GLU A 68 -6.85 29.74 -29.63
CA GLU A 68 -6.11 30.99 -29.45
C GLU A 68 -4.73 30.86 -30.07
N PRO A 69 -4.67 30.64 -31.41
CA PRO A 69 -3.37 30.27 -32.00
C PRO A 69 -2.31 31.36 -31.92
N LEU A 70 -2.68 32.62 -32.02
CA LEU A 70 -1.68 33.69 -31.99
C LEU A 70 -1.04 33.76 -30.60
N LEU A 71 -1.85 33.64 -29.55
CA LEU A 71 -1.39 33.74 -28.18
C LEU A 71 -0.48 32.57 -27.82
N ILE A 72 -0.94 31.35 -28.11
CA ILE A 72 -0.14 30.16 -27.82
C ILE A 72 1.10 30.11 -28.72
N GLY A 73 0.95 30.46 -30.00
CA GLY A 73 2.09 30.60 -30.92
C GLY A 73 3.13 31.64 -30.47
N GLU A 74 2.64 32.77 -29.96
CA GLU A 74 3.56 33.77 -29.44
C GLU A 74 4.26 33.25 -28.16
N ARG A 75 3.50 32.54 -27.33
CA ARG A 75 4.13 32.04 -26.10
C ARG A 75 5.39 31.20 -26.34
N TYR A 76 5.25 30.15 -27.17
CA TYR A 76 6.42 29.36 -27.54
C TYR A 76 7.46 30.11 -28.36
N GLN A 77 7.00 30.98 -29.23
CA GLN A 77 7.93 31.78 -29.95
C GLN A 77 8.86 32.41 -28.92
N THR A 78 8.30 32.97 -27.85
CA THR A 78 9.11 33.82 -26.91
C THR A 78 10.07 32.91 -26.18
N ILE A 79 9.59 31.72 -25.86
CA ILE A 79 10.41 30.75 -25.16
C ILE A 79 11.64 30.37 -25.97
N PHE A 80 11.45 29.98 -27.23
CA PHE A 80 12.56 29.56 -28.07
C PHE A 80 13.45 30.74 -28.48
N SER A 81 12.88 31.92 -28.65
CA SER A 81 13.71 33.09 -29.02
C SER A 81 14.64 33.44 -27.85
N ASP A 82 14.12 33.31 -26.63
CA ASP A 82 14.92 33.58 -25.43
C ASP A 82 16.04 32.54 -25.28
N MET A 83 15.79 31.30 -25.70
CA MET A 83 16.85 30.28 -25.70
C MET A 83 17.95 30.57 -26.72
N GLY A 84 17.59 31.28 -27.79
CA GLY A 84 18.54 31.68 -28.82
C GLY A 84 18.48 30.71 -30.00
N VAL A 85 17.90 31.18 -31.10
CA VAL A 85 17.77 30.38 -32.31
C VAL A 85 18.12 31.22 -33.54
N LYS A 86 18.25 30.58 -34.68
CA LYS A 86 18.50 31.28 -35.95
C LYS A 86 17.23 31.89 -36.52
N GLU A 87 16.13 31.14 -36.47
CA GLU A 87 14.86 31.63 -36.97
C GLU A 87 13.68 30.86 -36.37
N LEU A 88 12.57 31.59 -36.16
CA LEU A 88 11.30 31.03 -35.75
C LEU A 88 10.23 31.45 -36.73
N LYS A 89 9.22 30.60 -36.92
CA LYS A 89 8.02 30.97 -37.65
C LYS A 89 6.82 30.28 -37.05
N VAL A 90 5.75 31.03 -36.81
CA VAL A 90 4.48 30.43 -36.43
C VAL A 90 3.70 30.06 -37.70
N LEU A 91 3.50 28.77 -37.90
CA LEU A 91 2.77 28.24 -39.04
C LEU A 91 1.30 28.20 -38.66
N ASP A 92 0.63 29.33 -38.83
CA ASP A 92 -0.71 29.54 -38.32
C ASP A 92 -1.75 29.00 -39.30
N ILE A 93 -1.84 27.68 -39.40
CA ILE A 93 -2.80 27.04 -40.29
C ILE A 93 -4.15 27.06 -39.61
N ARG A 94 -5.06 27.87 -40.15
CA ARG A 94 -6.44 27.92 -39.67
C ARG A 94 -7.44 27.32 -40.64
N ASP A 95 -6.96 26.95 -41.82
CA ASP A 95 -7.76 26.20 -42.77
C ASP A 95 -6.87 25.24 -43.55
N ARG A 96 -7.44 24.15 -44.04
CA ARG A 96 -6.67 23.15 -44.77
C ARG A 96 -5.93 23.70 -45.98
N ALA A 97 -6.52 24.67 -46.69
CA ALA A 97 -5.88 25.29 -47.85
C ALA A 97 -4.49 25.86 -47.54
N GLN A 98 -4.30 26.37 -46.31
CA GLN A 98 -2.97 26.84 -45.88
C GLN A 98 -1.95 25.71 -45.78
N GLY A 99 -2.44 24.47 -45.73
CA GLY A 99 -1.56 23.31 -45.85
C GLY A 99 -0.95 23.16 -47.23
N ASP A 100 -1.48 23.92 -48.20
CA ASP A 100 -0.94 24.01 -49.56
C ASP A 100 -0.09 25.28 -49.74
N ASP A 101 -0.06 26.15 -48.73
CA ASP A 101 0.59 27.48 -48.88
C ASP A 101 2.08 27.35 -49.19
N SER A 102 2.53 28.04 -50.24
CA SER A 102 3.93 27.96 -50.67
C SER A 102 4.90 28.43 -49.58
N GLY A 103 4.58 29.56 -48.94
CA GLY A 103 5.45 30.15 -47.92
C GLY A 103 5.72 29.21 -46.75
N TYR A 104 4.66 28.64 -46.21
CA TYR A 104 4.78 27.65 -45.13
C TYR A 104 5.53 26.42 -45.59
N ARG A 105 5.23 25.95 -46.80
CA ARG A 105 5.88 24.76 -47.33
C ARG A 105 7.37 24.99 -47.54
N LEU A 106 7.74 26.18 -48.00
CA LEU A 106 9.15 26.55 -48.13
C LEU A 106 9.88 26.55 -46.78
N PHE A 107 9.23 27.12 -45.77
CA PHE A 107 9.82 27.15 -44.42
C PHE A 107 10.07 25.74 -43.92
N VAL A 108 9.11 24.84 -44.15
CA VAL A 108 9.27 23.44 -43.78
C VAL A 108 10.49 22.81 -44.44
N GLU A 109 10.83 23.25 -45.66
CA GLU A 109 12.05 22.75 -46.32
C GLU A 109 13.33 23.23 -45.65
N GLN A 110 13.27 24.41 -45.05
CA GLN A 110 14.41 25.05 -44.43
C GLN A 110 14.57 24.68 -42.96
N CYS A 111 13.48 24.25 -42.32
CA CYS A 111 13.47 24.14 -40.86
C CYS A 111 14.30 22.97 -40.33
N THR A 112 14.62 23.02 -39.04
CA THR A 112 15.36 21.96 -38.35
C THR A 112 14.51 21.29 -37.26
N GLY A 113 13.38 21.89 -36.93
CA GLY A 113 12.49 21.36 -35.92
C GLY A 113 11.09 21.95 -36.05
N ILE A 114 10.10 21.15 -35.70
CA ILE A 114 8.69 21.58 -35.67
C ILE A 114 8.09 21.27 -34.29
N PHE A 115 7.38 22.23 -33.70
CA PHE A 115 6.73 22.10 -32.39
C PHE A 115 5.22 22.25 -32.56
N MET A 116 4.46 21.24 -32.15
CA MET A 116 2.99 21.29 -32.16
C MET A 116 2.45 21.53 -30.78
N THR A 117 1.73 22.65 -30.65
CA THR A 117 1.17 23.06 -29.37
C THR A 117 -0.08 22.26 -28.98
N GLY A 118 -0.48 22.44 -27.74
CA GLY A 118 -1.74 21.90 -27.25
C GLY A 118 -2.94 22.64 -27.82
N GLY A 119 -4.10 22.13 -27.43
CA GLY A 119 -5.39 22.55 -27.93
C GLY A 119 -6.27 21.33 -28.00
N ASP A 120 -6.86 21.07 -29.16
CA ASP A 120 -7.70 19.89 -29.39
C ASP A 120 -7.11 19.05 -30.52
N GLN A 121 -6.89 17.77 -30.26
CA GLN A 121 -6.21 16.92 -31.24
C GLN A 121 -7.05 16.63 -32.49
N LEU A 122 -8.37 16.54 -32.34
CA LEU A 122 -9.25 16.38 -33.52
C LEU A 122 -9.16 17.59 -34.44
N ARG A 123 -9.11 18.78 -33.85
CA ARG A 123 -8.96 19.99 -34.63
C ARG A 123 -7.62 20.04 -35.36
N LEU A 124 -6.56 19.69 -34.64
CA LEU A 124 -5.22 19.69 -35.24
C LEU A 124 -5.16 18.74 -36.45
N CYS A 125 -5.67 17.52 -36.30
CA CYS A 125 -5.68 16.59 -37.43
C CYS A 125 -6.59 17.02 -38.56
N GLY A 126 -7.72 17.63 -38.19
CA GLY A 126 -8.61 18.16 -39.24
C GLY A 126 -7.94 19.17 -40.13
N LEU A 127 -7.09 20.01 -39.54
CA LEU A 127 -6.45 21.07 -40.30
C LEU A 127 -5.18 20.59 -40.99
N LEU A 128 -4.48 19.61 -40.41
CA LEU A 128 -3.14 19.23 -40.86
C LEU A 128 -3.01 17.88 -41.52
N ALA A 129 -3.80 16.89 -41.13
CA ALA A 129 -3.58 15.53 -41.62
C ALA A 129 -3.75 15.47 -43.12
N ASP A 130 -2.80 14.81 -43.79
CA ASP A 130 -2.86 14.58 -45.24
C ASP A 130 -2.72 15.85 -46.08
N THR A 131 -2.27 16.94 -45.48
CA THR A 131 -1.91 18.12 -46.23
C THR A 131 -0.50 17.95 -46.77
N PRO A 132 -0.20 18.62 -47.89
CA PRO A 132 1.19 18.60 -48.36
C PRO A 132 2.21 19.06 -47.31
N LEU A 133 1.86 20.08 -46.56
CA LEU A 133 2.74 20.59 -45.51
C LEU A 133 3.08 19.51 -44.49
N MET A 134 2.05 18.85 -43.94
CA MET A 134 2.27 17.84 -42.91
C MET A 134 2.89 16.57 -43.48
N ASP A 135 2.53 16.23 -44.72
CA ASP A 135 3.17 15.09 -45.38
C ASP A 135 4.67 15.31 -45.45
N ARG A 136 5.07 16.53 -45.77
CA ARG A 136 6.50 16.82 -45.86
C ARG A 136 7.19 16.85 -44.47
N ILE A 137 6.53 17.43 -43.47
CA ILE A 137 7.06 17.39 -42.10
C ILE A 137 7.29 15.94 -41.71
N ARG A 138 6.28 15.11 -41.90
CA ARG A 138 6.39 13.71 -41.54
C ARG A 138 7.53 13.03 -42.29
N GLN A 139 7.65 13.29 -43.58
CA GLN A 139 8.73 12.71 -44.36
C GLN A 139 10.11 13.14 -43.84
N ARG A 140 10.28 14.42 -43.56
CA ARG A 140 11.57 14.92 -43.08
C ARG A 140 11.91 14.35 -41.69
N VAL A 141 10.89 14.16 -40.85
CA VAL A 141 11.06 13.48 -39.54
C VAL A 141 11.50 12.04 -39.77
N HIS A 142 10.76 11.31 -40.60
CA HIS A 142 11.10 9.92 -40.88
C HIS A 142 12.49 9.75 -41.49
N ASN A 143 12.89 10.69 -42.33
CA ASN A 143 14.23 10.74 -42.92
C ASN A 143 15.35 11.14 -41.95
N GLY A 144 14.99 11.57 -40.74
CA GLY A 144 15.99 11.96 -39.75
C GLY A 144 16.61 13.32 -39.97
N GLU A 145 15.89 14.16 -40.70
CA GLU A 145 16.38 15.48 -41.07
C GLU A 145 16.01 16.54 -40.03
N ILE A 146 14.84 16.38 -39.38
CA ILE A 146 14.35 17.35 -38.42
C ILE A 146 13.79 16.69 -37.18
N SER A 147 13.73 17.45 -36.09
CA SER A 147 13.05 17.04 -34.88
C SER A 147 11.59 17.47 -34.89
N LEU A 148 10.78 16.74 -34.15
CA LEU A 148 9.37 17.05 -34.02
C LEU A 148 8.99 16.90 -32.56
N ALA A 149 8.33 17.89 -31.99
CA ALA A 149 7.79 17.78 -30.65
C ALA A 149 6.34 18.13 -30.70
N GLY A 150 5.59 17.51 -29.81
CA GLY A 150 4.19 17.84 -29.63
C GLY A 150 3.81 17.65 -28.19
N THR A 151 3.02 18.59 -27.66
CA THR A 151 2.56 18.54 -26.28
C THR A 151 1.04 18.56 -26.19
N SER A 152 0.50 17.80 -25.23
CA SER A 152 -0.94 17.69 -25.03
C SER A 152 -1.61 17.22 -26.33
N ALA A 153 -2.50 18.00 -26.94
CA ALA A 153 -3.05 17.62 -28.26
C ALA A 153 -1.99 17.25 -29.27
N GLY A 154 -0.89 18.01 -29.28
CA GLY A 154 0.23 17.75 -30.17
C GLY A 154 0.94 16.42 -29.94
N ALA A 155 0.84 15.90 -28.71
CA ALA A 155 1.31 14.54 -28.39
C ALA A 155 0.31 13.49 -28.87
N ALA A 156 -0.98 13.77 -28.65
CA ALA A 156 -2.02 12.82 -28.97
C ALA A 156 -2.03 12.39 -30.43
N VAL A 157 -1.65 13.32 -31.31
CA VAL A 157 -1.72 13.09 -32.75
C VAL A 157 -0.54 12.25 -33.28
N MET A 158 0.39 11.85 -32.42
CA MET A 158 1.58 11.22 -32.93
C MET A 158 1.36 9.86 -33.57
N GLY A 159 0.45 9.06 -33.02
CA GLY A 159 0.16 7.73 -33.57
C GLY A 159 -0.67 7.77 -34.83
N HIS A 160 -0.80 6.62 -35.50
CA HIS A 160 -1.81 6.47 -36.54
C HIS A 160 -3.19 6.40 -35.88
N HIS A 161 -3.31 5.60 -34.84
CA HIS A 161 -4.51 5.55 -34.03
C HIS A 161 -4.30 6.53 -32.88
N MET A 162 -5.35 7.31 -32.62
CA MET A 162 -5.31 8.41 -31.70
C MET A 162 -6.44 8.32 -30.70
N ILE A 163 -6.12 8.65 -29.46
CA ILE A 163 -7.14 8.86 -28.43
C ILE A 163 -7.56 10.34 -28.53
N ALA A 164 -8.78 10.55 -29.05
CA ALA A 164 -9.33 11.88 -29.24
C ALA A 164 -10.04 12.44 -28.02
N GLY A 165 -10.36 11.59 -27.06
CA GLY A 165 -11.09 11.99 -25.88
C GLY A 165 -11.52 10.78 -25.10
N GLY A 166 -12.25 11.01 -24.04
CA GLY A 166 -12.70 9.90 -23.21
C GLY A 166 -12.62 10.30 -21.78
N SER A 167 -13.16 9.49 -20.91
CA SER A 167 -13.33 9.88 -19.53
C SER A 167 -12.50 9.02 -18.57
N SER A 168 -12.70 9.25 -17.28
CA SER A 168 -12.07 8.49 -16.19
C SER A 168 -13.15 8.07 -15.19
N GLY A 169 -12.77 7.41 -14.11
CA GLY A 169 -13.74 7.09 -13.06
C GLY A 169 -14.67 5.95 -13.45
N GLU A 170 -14.25 5.16 -14.44
CA GLU A 170 -15.00 3.98 -14.87
C GLU A 170 -14.02 2.85 -15.11
N TRP A 171 -14.53 1.62 -15.02
CA TRP A 171 -13.74 0.50 -15.49
C TRP A 171 -13.54 0.61 -16.97
N PRO A 172 -12.49 -0.03 -17.49
CA PRO A 172 -12.31 0.01 -18.94
C PRO A 172 -13.53 -0.53 -19.69
N ASN A 173 -13.91 0.18 -20.75
CA ASN A 173 -15.01 -0.23 -21.64
C ASN A 173 -14.84 0.54 -22.93
N ARG A 174 -15.27 -0.01 -24.05
CA ARG A 174 -14.91 0.63 -25.32
C ARG A 174 -15.52 2.02 -25.43
N ALA A 175 -16.69 2.23 -24.83
CA ALA A 175 -17.35 3.53 -24.84
C ALA A 175 -16.61 4.60 -24.03
N LEU A 176 -15.65 4.18 -23.22
CA LEU A 176 -14.89 5.12 -22.41
C LEU A 176 -13.92 5.95 -23.22
N VAL A 177 -13.52 5.49 -24.40
CA VAL A 177 -12.48 6.16 -25.15
C VAL A 177 -13.02 6.50 -26.54
N ASP A 178 -12.62 7.68 -27.04
CA ASP A 178 -12.98 8.15 -28.37
C ASP A 178 -11.76 7.98 -29.25
N MET A 179 -11.79 7.01 -30.16
CA MET A 179 -10.69 6.77 -31.08
C MET A 179 -10.85 7.50 -32.40
N ALA A 180 -9.72 7.85 -32.99
CA ALA A 180 -9.71 8.56 -34.25
C ALA A 180 -8.37 8.30 -34.91
N VAL A 181 -8.16 8.96 -36.06
CA VAL A 181 -6.92 8.83 -36.80
C VAL A 181 -6.03 10.02 -36.54
N GLY A 182 -4.78 9.75 -36.19
CA GLY A 182 -3.81 10.79 -35.93
C GLY A 182 -2.96 11.06 -37.16
N LEU A 183 -1.76 11.60 -36.94
CA LEU A 183 -0.85 11.97 -38.01
C LEU A 183 0.09 10.84 -38.44
N GLY A 184 0.14 9.76 -37.69
CA GLY A 184 0.96 8.62 -38.07
C GLY A 184 2.45 8.90 -38.11
N ILE A 185 2.90 9.77 -37.21
CA ILE A 185 4.33 10.03 -37.04
C ILE A 185 5.02 8.78 -36.51
N VAL A 186 4.41 8.17 -35.48
CA VAL A 186 4.87 6.92 -34.90
C VAL A 186 3.69 5.90 -34.97
N PRO A 187 3.54 5.19 -36.10
CA PRO A 187 2.36 4.34 -36.29
C PRO A 187 2.20 3.17 -35.32
N GLU A 188 3.26 2.75 -34.65
CA GLU A 188 3.23 1.57 -33.82
C GLU A 188 2.78 1.82 -32.37
N ILE A 189 2.42 3.07 -32.04
CA ILE A 189 2.01 3.45 -30.69
C ILE A 189 0.67 4.14 -30.63
N VAL A 190 0.11 4.13 -29.43
CA VAL A 190 -1.07 4.93 -29.12
C VAL A 190 -0.73 5.76 -27.88
N VAL A 191 -0.81 7.08 -28.04
CA VAL A 191 -0.45 8.04 -27.01
C VAL A 191 -1.63 8.50 -26.17
N ASP A 192 -1.44 8.53 -24.85
CA ASP A 192 -2.32 9.34 -24.04
C ASP A 192 -1.47 10.35 -23.25
N GLN A 193 -2.12 11.40 -22.79
CA GLN A 193 -1.39 12.56 -22.24
C GLN A 193 -2.18 13.17 -21.08
N HIS A 194 -1.55 14.09 -20.36
CA HIS A 194 -1.95 14.47 -18.99
C HIS A 194 -2.32 13.23 -18.19
N PHE A 195 -1.51 12.17 -18.33
CA PHE A 195 -1.99 10.82 -18.10
C PHE A 195 -2.41 10.51 -16.69
N HIS A 196 -1.46 10.44 -15.75
CA HIS A 196 -1.88 10.15 -14.37
C HIS A 196 -2.61 11.32 -13.75
N ASN A 197 -2.27 12.51 -14.18
CA ASN A 197 -2.88 13.72 -13.66
C ASN A 197 -4.41 13.74 -13.86
N ARG A 198 -4.88 13.17 -14.97
CA ARG A 198 -6.31 13.05 -15.29
C ARG A 198 -6.81 11.61 -15.25
N ASN A 199 -6.05 10.72 -14.62
CA ASN A 199 -6.48 9.35 -14.37
C ASN A 199 -6.92 8.64 -15.64
N ARG A 200 -6.05 8.68 -16.64
CA ARG A 200 -6.39 8.21 -17.96
C ARG A 200 -6.02 6.76 -18.27
N MET A 201 -5.55 6.02 -17.27
CA MET A 201 -5.19 4.65 -17.55
C MET A 201 -6.39 3.83 -18.08
N ALA A 202 -7.59 4.01 -17.53
CA ALA A 202 -8.70 3.17 -17.99
C ALA A 202 -9.01 3.43 -19.46
N ARG A 203 -8.95 4.68 -19.89
CA ARG A 203 -9.26 4.97 -21.29
C ARG A 203 -8.15 4.47 -22.21
N LEU A 204 -6.90 4.49 -21.76
CA LEU A 204 -5.81 3.90 -22.54
C LEU A 204 -5.96 2.39 -22.67
N LEU A 205 -6.28 1.71 -21.56
CA LEU A 205 -6.54 0.28 -21.60
C LEU A 205 -7.68 -0.04 -22.55
N SER A 206 -8.70 0.81 -22.53
CA SER A 206 -9.85 0.64 -23.43
C SER A 206 -9.43 0.75 -24.89
N ALA A 207 -8.53 1.67 -25.20
CA ALA A 207 -7.99 1.80 -26.56
C ALA A 207 -7.17 0.57 -26.96
N ILE A 208 -6.33 0.10 -26.02
CA ILE A 208 -5.44 -1.00 -26.33
C ILE A 208 -6.19 -2.32 -26.55
N SER A 209 -7.35 -2.47 -25.91
CA SER A 209 -8.10 -3.75 -26.00
C SER A 209 -8.40 -4.16 -27.44
N THR A 210 -8.65 -3.16 -28.28
CA THR A 210 -8.94 -3.42 -29.69
C THR A 210 -7.82 -3.05 -30.65
N HIS A 211 -6.71 -2.54 -30.12
CA HIS A 211 -5.51 -2.30 -30.90
C HIS A 211 -4.33 -2.89 -30.16
N PRO A 212 -4.41 -4.19 -29.82
CA PRO A 212 -3.40 -4.75 -28.95
C PRO A 212 -2.02 -4.92 -29.57
N GLU A 213 -1.92 -4.70 -30.89
CA GLU A 213 -0.64 -4.67 -31.56
C GLU A 213 0.16 -3.40 -31.32
N LEU A 214 -0.51 -2.37 -30.78
CA LEU A 214 0.09 -1.04 -30.57
C LEU A 214 0.56 -0.91 -29.15
N LEU A 215 1.75 -0.35 -28.96
CA LEU A 215 2.27 -0.04 -27.63
C LEU A 215 1.56 1.22 -27.13
N GLY A 216 0.95 1.13 -25.96
CA GLY A 216 0.34 2.29 -25.35
C GLY A 216 1.38 3.07 -24.58
N LEU A 217 1.36 4.40 -24.72
CA LEU A 217 2.21 5.29 -23.94
C LEU A 217 1.36 6.32 -23.25
N GLY A 218 1.29 6.20 -21.94
CA GLY A 218 0.57 7.17 -21.10
C GLY A 218 1.56 8.13 -20.50
N ILE A 219 1.55 9.38 -20.95
CA ILE A 219 2.60 10.33 -20.63
C ILE A 219 2.03 11.41 -19.69
N ASP A 220 2.64 11.54 -18.53
CA ASP A 220 2.18 12.50 -17.52
C ASP A 220 2.52 13.94 -17.92
N GLU A 221 1.86 14.87 -17.24
CA GLU A 221 2.22 16.29 -17.41
C GLU A 221 3.69 16.50 -17.16
N ASP A 222 4.27 17.43 -17.89
CA ASP A 222 5.69 17.81 -17.72
C ASP A 222 6.62 16.63 -17.74
N THR A 223 6.25 15.67 -18.60
CA THR A 223 7.03 14.48 -18.85
C THR A 223 7.04 14.25 -20.37
N CYS A 224 8.08 13.60 -20.86
CA CYS A 224 8.26 13.39 -22.29
C CYS A 224 8.83 12.03 -22.57
N ALA A 225 8.29 11.39 -23.60
CA ALA A 225 8.87 10.19 -24.20
C ALA A 225 9.59 10.65 -25.47
N MET A 226 10.91 10.55 -25.47
CA MET A 226 11.70 11.01 -26.58
C MET A 226 12.16 9.81 -27.40
N PHE A 227 11.62 9.71 -28.62
CA PHE A 227 11.92 8.63 -29.51
C PHE A 227 13.19 8.95 -30.30
N GLU A 228 14.23 8.15 -30.07
CA GLU A 228 15.51 8.32 -30.74
C GLU A 228 15.57 7.48 -32.01
N ARG A 229 16.50 7.82 -32.90
CA ARG A 229 16.58 7.17 -34.19
C ARG A 229 16.87 5.68 -34.09
N ASP A 230 17.55 5.26 -33.02
CA ASP A 230 17.91 3.84 -32.86
C ASP A 230 16.79 2.94 -32.31
N GLY A 231 15.63 3.51 -32.02
CA GLY A 231 14.48 2.76 -31.57
C GLY A 231 14.28 2.87 -30.07
N SER A 232 15.22 3.48 -29.37
CA SER A 232 15.06 3.66 -27.94
C SER A 232 14.14 4.84 -27.64
N VAL A 233 13.51 4.78 -26.48
CA VAL A 233 12.63 5.85 -26.01
C VAL A 233 13.14 6.26 -24.65
N LYS A 234 13.61 7.50 -24.53
CA LYS A 234 14.15 8.02 -23.30
C LYS A 234 13.09 8.87 -22.64
N VAL A 235 12.89 8.67 -21.35
CA VAL A 235 11.95 9.46 -20.58
C VAL A 235 12.66 10.68 -19.99
N ILE A 236 12.03 11.84 -20.10
CA ILE A 236 12.55 13.07 -19.53
C ILE A 236 11.45 13.76 -18.76
N GLY A 237 11.80 14.36 -17.63
CA GLY A 237 10.89 15.27 -16.95
C GLY A 237 10.45 14.84 -15.57
N GLN A 238 9.27 15.32 -15.18
CA GLN A 238 8.85 15.37 -13.78
C GLN A 238 8.08 14.14 -13.26
N GLY A 239 7.42 13.45 -14.19
CA GLY A 239 6.55 12.34 -13.84
C GLY A 239 6.95 11.04 -14.46
N THR A 240 5.95 10.31 -14.95
CA THR A 240 6.18 9.01 -15.49
C THR A 240 5.63 8.85 -16.91
N VAL A 241 6.13 7.82 -17.59
CA VAL A 241 5.58 7.34 -18.83
C VAL A 241 5.23 5.89 -18.61
N SER A 242 3.97 5.54 -18.89
CA SER A 242 3.49 4.16 -18.77
C SER A 242 3.45 3.51 -20.12
N PHE A 243 4.18 2.40 -20.25
CA PHE A 243 4.22 1.61 -21.47
C PHE A 243 3.33 0.41 -21.23
N VAL A 244 2.23 0.33 -22.00
CA VAL A 244 1.19 -0.67 -21.81
C VAL A 244 1.25 -1.58 -23.02
N ASP A 245 1.63 -2.82 -22.78
CA ASP A 245 1.94 -3.73 -23.86
C ASP A 245 1.05 -4.95 -23.83
N ALA A 246 0.13 -5.03 -24.79
CA ALA A 246 -0.80 -6.14 -24.93
C ALA A 246 -0.40 -7.09 -26.09
N ARG A 247 0.84 -7.00 -26.56
CA ARG A 247 1.26 -7.84 -27.68
C ARG A 247 1.30 -9.33 -27.34
N ASP A 248 1.43 -9.66 -26.06
CA ASP A 248 1.39 -11.05 -25.58
C ASP A 248 0.11 -11.31 -24.77
N MET A 249 -0.92 -10.50 -24.99
CA MET A 249 -2.20 -10.73 -24.32
C MET A 249 -2.73 -12.11 -24.67
N SER A 250 -3.19 -12.82 -23.66
CA SER A 250 -3.71 -14.17 -23.84
C SER A 250 -5.19 -14.23 -24.13
N TYR A 251 -5.90 -13.18 -23.75
CA TYR A 251 -7.35 -13.07 -23.95
C TYR A 251 -7.84 -11.67 -23.68
N THR A 252 -8.82 -11.24 -24.45
CA THR A 252 -9.68 -10.13 -24.12
C THR A 252 -11.09 -10.50 -24.55
N ASN A 253 -12.07 -10.03 -23.79
CA ASN A 253 -13.47 -10.18 -24.16
C ASN A 253 -13.96 -9.10 -25.14
N ALA A 254 -13.07 -8.23 -25.61
CA ALA A 254 -13.43 -7.05 -26.39
C ALA A 254 -14.38 -7.30 -27.55
N ALA A 255 -14.17 -8.40 -28.27
CA ALA A 255 -14.98 -8.69 -29.46
C ALA A 255 -16.32 -9.33 -29.13
N LEU A 256 -16.50 -9.70 -27.87
CA LEU A 256 -17.67 -10.47 -27.43
C LEU A 256 -18.73 -9.60 -26.75
N VAL A 257 -18.33 -8.45 -26.23
CA VAL A 257 -19.19 -7.70 -25.32
C VAL A 257 -19.55 -6.36 -25.94
N GLY A 258 -20.60 -5.76 -25.42
CA GLY A 258 -21.02 -4.47 -25.91
C GLY A 258 -20.04 -3.39 -25.47
N ALA A 259 -20.19 -2.21 -26.08
CA ALA A 259 -19.25 -1.11 -25.88
C ALA A 259 -19.32 -0.53 -24.47
N ASN A 260 -20.43 -0.74 -23.77
CA ASN A 260 -20.60 -0.21 -22.42
C ASN A 260 -20.33 -1.23 -21.31
N ALA A 261 -19.94 -2.45 -21.71
CA ALA A 261 -19.64 -3.54 -20.82
C ALA A 261 -18.16 -3.53 -20.42
N PRO A 262 -17.82 -4.02 -19.22
CA PRO A 262 -16.43 -4.00 -18.80
C PRO A 262 -15.55 -4.93 -19.62
N LEU A 263 -14.33 -4.45 -19.86
CA LEU A 263 -13.34 -5.19 -20.63
C LEU A 263 -12.42 -6.00 -19.76
N SER A 264 -12.09 -7.20 -20.22
CA SER A 264 -11.00 -7.95 -19.61
C SER A 264 -9.81 -7.96 -20.55
N LEU A 265 -8.61 -7.98 -19.98
CA LEU A 265 -7.35 -7.96 -20.72
C LEU A 265 -6.42 -8.81 -19.92
N HIS A 266 -6.06 -9.98 -20.46
CA HIS A 266 -5.21 -10.92 -19.70
C HIS A 266 -3.79 -10.93 -20.24
N ASN A 267 -2.81 -11.00 -19.32
CA ASN A 267 -1.38 -11.06 -19.69
C ASN A 267 -0.84 -9.79 -20.33
N LEU A 268 -1.15 -8.64 -19.74
CA LEU A 268 -0.52 -7.39 -20.18
C LEU A 268 0.80 -7.19 -19.47
N ARG A 269 1.72 -6.49 -20.13
CA ARG A 269 2.97 -6.07 -19.54
C ARG A 269 2.93 -4.56 -19.40
N LEU A 270 3.29 -4.10 -18.20
CA LEU A 270 3.28 -2.69 -17.84
C LEU A 270 4.66 -2.27 -17.35
N ASN A 271 5.19 -1.20 -17.94
CA ASN A 271 6.45 -0.59 -17.53
C ASN A 271 6.20 0.87 -17.25
N ILE A 272 6.43 1.28 -16.02
CA ILE A 272 6.27 2.68 -15.65
C ILE A 272 7.67 3.24 -15.45
N LEU A 273 8.02 4.22 -16.26
CA LEU A 273 9.38 4.79 -16.31
C LEU A 273 9.40 6.23 -15.86
N VAL A 274 10.54 6.61 -15.29
CA VAL A 274 10.81 7.98 -14.90
C VAL A 274 12.03 8.55 -15.64
N HIS A 275 12.32 9.81 -15.37
CA HIS A 275 13.40 10.52 -16.01
C HIS A 275 14.68 9.72 -16.05
N GLY A 276 15.27 9.65 -17.25
CA GLY A 276 16.56 8.99 -17.45
C GLY A 276 16.45 7.53 -17.85
N GLU A 277 15.29 6.92 -17.59
CA GLU A 277 15.07 5.52 -17.96
C GLU A 277 14.74 5.40 -19.43
N VAL A 278 14.94 4.20 -19.98
CA VAL A 278 14.80 3.95 -21.42
C VAL A 278 13.98 2.71 -21.67
N TYR A 279 13.08 2.80 -22.64
CA TYR A 279 12.39 1.64 -23.17
C TYR A 279 12.92 1.35 -24.54
N HIS A 280 13.37 0.11 -24.76
CA HIS A 280 13.94 -0.23 -26.05
C HIS A 280 12.88 -0.92 -26.87
N GLN A 281 12.50 -0.34 -28.01
CA GLN A 281 11.37 -0.88 -28.77
C GLN A 281 11.66 -2.21 -29.42
N VAL A 282 12.89 -2.43 -29.89
CA VAL A 282 13.21 -3.73 -30.49
C VAL A 282 13.24 -4.84 -29.44
N LYS A 283 13.89 -4.56 -28.30
CA LYS A 283 13.98 -5.52 -27.21
C LYS A 283 12.63 -5.70 -26.48
N GLN A 284 11.76 -4.70 -26.61
CA GLN A 284 10.48 -4.66 -25.90
C GLN A 284 10.69 -4.74 -24.39
N ARG A 285 11.67 -3.99 -23.89
CA ARG A 285 12.03 -4.00 -22.48
C ARG A 285 12.53 -2.62 -22.03
N ALA A 286 12.41 -2.36 -20.73
CA ALA A 286 12.82 -1.12 -20.11
C ALA A 286 14.12 -1.36 -19.35
N PHE A 287 14.85 -0.25 -19.17
CA PHE A 287 16.12 -0.26 -18.45
C PHE A 287 16.26 0.95 -17.54
N PRO A 288 16.96 0.81 -16.41
CA PRO A 288 17.20 1.91 -15.49
C PRO A 288 18.12 2.99 -16.07
N ARG A 289 18.15 4.15 -15.40
CA ARG A 289 19.08 5.24 -15.75
C ARG A 289 20.49 4.71 -15.87
N SER B 25 -21.29 -24.32 -2.70
CA SER B 25 -21.59 -23.89 -1.30
C SER B 25 -20.39 -24.10 -0.35
N GLN B 26 -19.25 -24.48 -0.93
CA GLN B 26 -17.97 -24.60 -0.20
C GLN B 26 -17.57 -23.24 0.34
N PRO B 27 -17.03 -23.17 1.58
CA PRO B 27 -16.69 -21.88 2.14
C PRO B 27 -15.66 -21.13 1.31
N ALA B 28 -15.80 -19.81 1.29
CA ALA B 28 -14.95 -18.96 0.48
C ALA B 28 -14.77 -17.63 1.16
N ILE B 29 -13.83 -16.84 0.63
CA ILE B 29 -13.58 -15.47 1.10
C ILE B 29 -13.97 -14.53 -0.04
N LEU B 30 -14.96 -13.67 0.19
CA LEU B 30 -15.43 -12.74 -0.83
C LEU B 30 -14.93 -11.35 -0.50
N ILE B 31 -14.10 -10.80 -1.39
CA ILE B 31 -13.53 -9.46 -1.22
C ILE B 31 -14.28 -8.55 -2.20
N ILE B 32 -15.10 -7.66 -1.68
CA ILE B 32 -16.11 -6.93 -2.45
C ILE B 32 -15.71 -5.46 -2.51
N GLY B 33 -15.76 -4.88 -3.71
CA GLY B 33 -15.22 -3.54 -3.94
C GLY B 33 -16.06 -2.37 -3.51
N GLY B 34 -17.11 -2.61 -2.73
CA GLY B 34 -17.98 -1.55 -2.24
C GLY B 34 -19.20 -1.33 -3.12
N ALA B 35 -20.18 -0.64 -2.53
CA ALA B 35 -21.39 -0.23 -3.26
C ALA B 35 -22.01 -1.37 -4.04
N GLU B 36 -22.02 -2.55 -3.43
CA GLU B 36 -22.55 -3.72 -4.10
C GLU B 36 -24.07 -3.67 -4.17
N ASP B 37 -24.62 -4.39 -5.13
CA ASP B 37 -26.05 -4.31 -5.40
C ASP B 37 -26.85 -4.86 -4.23
N LYS B 38 -27.70 -4.02 -3.67
CA LYS B 38 -28.49 -4.39 -2.50
C LYS B 38 -29.97 -4.42 -2.83
N VAL B 39 -30.31 -4.23 -4.11
CA VAL B 39 -31.70 -4.00 -4.52
C VAL B 39 -32.21 -4.90 -5.65
N HIS B 40 -31.36 -5.26 -6.60
CA HIS B 40 -31.80 -6.03 -7.76
C HIS B 40 -31.47 -7.51 -7.57
N GLY B 41 -30.66 -8.09 -8.46
CA GLY B 41 -30.28 -9.49 -8.34
C GLY B 41 -29.43 -9.79 -7.12
N ARG B 42 -28.73 -8.79 -6.60
CA ARG B 42 -27.85 -8.96 -5.43
C ARG B 42 -26.92 -10.16 -5.59
N GLU B 43 -26.30 -10.29 -6.76
CA GLU B 43 -25.54 -11.50 -7.10
C GLU B 43 -24.39 -11.78 -6.14
N ILE B 44 -23.64 -10.75 -5.78
CA ILE B 44 -22.51 -10.92 -4.88
C ILE B 44 -22.99 -11.35 -3.49
N LEU B 45 -23.96 -10.63 -2.94
CA LEU B 45 -24.47 -10.98 -1.62
C LEU B 45 -25.14 -12.34 -1.58
N GLN B 46 -25.85 -12.70 -2.65
CA GLN B 46 -26.42 -14.05 -2.77
C GLN B 46 -25.34 -15.14 -2.79
N THR B 47 -24.19 -14.84 -3.39
CA THR B 47 -23.08 -15.78 -3.43
C THR B 47 -22.55 -15.99 -2.00
N PHE B 48 -22.37 -14.91 -1.24
CA PHE B 48 -21.98 -15.05 0.16
C PHE B 48 -22.99 -15.86 0.96
N TRP B 49 -24.27 -15.55 0.76
CA TRP B 49 -25.35 -16.30 1.38
C TRP B 49 -25.23 -17.79 1.08
N SER B 50 -25.07 -18.12 -0.19
CA SER B 50 -24.95 -19.53 -0.62
C SER B 50 -23.74 -20.23 0.03
N ARG B 51 -22.59 -19.55 0.00
CA ARG B 51 -21.35 -20.14 0.54
C ARG B 51 -21.37 -20.20 2.07
N SER B 52 -22.32 -19.51 2.69
CA SER B 52 -22.49 -19.59 4.12
C SER B 52 -23.53 -20.64 4.52
N GLY B 53 -24.12 -21.36 3.57
CA GLY B 53 -25.08 -22.44 3.88
C GLY B 53 -26.51 -22.14 3.49
N GLY B 54 -26.73 -20.98 2.86
CA GLY B 54 -28.05 -20.68 2.34
C GLY B 54 -29.10 -20.64 3.42
N ASN B 55 -30.19 -21.41 3.24
CA ASN B 55 -31.25 -21.44 4.25
C ASN B 55 -30.81 -21.93 5.62
N ASP B 56 -29.65 -22.58 5.68
CA ASP B 56 -29.10 -23.05 6.95
C ASP B 56 -28.02 -22.12 7.51
N ALA B 57 -27.83 -20.97 6.87
CA ALA B 57 -26.70 -20.09 7.24
C ALA B 57 -26.93 -19.44 8.60
N ILE B 58 -25.86 -19.30 9.37
CA ILE B 58 -25.85 -18.58 10.63
C ILE B 58 -24.82 -17.47 10.41
N ILE B 59 -25.29 -16.25 10.15
CA ILE B 59 -24.41 -15.19 9.68
C ILE B 59 -24.27 -14.09 10.73
N GLY B 60 -23.02 -13.72 11.00
CA GLY B 60 -22.76 -12.55 11.81
C GLY B 60 -22.37 -11.39 10.92
N ILE B 61 -22.86 -10.19 11.28
CA ILE B 61 -22.58 -8.96 10.55
C ILE B 61 -21.76 -8.09 11.48
N ILE B 62 -20.60 -7.66 11.03
CA ILE B 62 -19.74 -6.76 11.80
C ILE B 62 -19.80 -5.40 11.15
N PRO B 63 -20.48 -4.44 11.79
CA PRO B 63 -20.64 -3.08 11.28
C PRO B 63 -19.65 -2.07 11.85
N SER B 64 -18.61 -2.58 12.50
CA SER B 64 -17.68 -1.76 13.28
C SER B 64 -16.91 -0.72 12.47
N ALA B 65 -16.76 -0.92 11.16
CA ALA B 65 -16.13 0.11 10.33
C ALA B 65 -16.95 1.40 10.29
N SER B 66 -18.26 1.29 10.52
CA SER B 66 -19.18 2.38 10.31
C SER B 66 -19.45 3.16 11.59
N ARG B 67 -19.75 4.44 11.43
CA ARG B 67 -20.24 5.28 12.54
C ARG B 67 -21.76 5.23 12.69
N GLU B 68 -22.44 4.51 11.80
CA GLU B 68 -23.86 4.22 11.93
C GLU B 68 -24.06 2.71 11.94
N PRO B 69 -23.46 2.04 12.94
CA PRO B 69 -23.47 0.57 12.86
C PRO B 69 -24.86 -0.05 12.94
N LEU B 70 -25.77 0.55 13.70
CA LEU B 70 -27.11 0.01 13.87
C LEU B 70 -27.84 0.02 12.51
N LEU B 71 -27.70 1.11 11.77
CA LEU B 71 -28.44 1.25 10.52
C LEU B 71 -27.85 0.34 9.44
N ILE B 72 -26.53 0.32 9.32
CA ILE B 72 -25.92 -0.54 8.32
C ILE B 72 -26.08 -2.01 8.69
N GLY B 73 -25.97 -2.34 9.97
CA GLY B 73 -26.29 -3.69 10.44
C GLY B 73 -27.69 -4.13 10.06
N GLU B 74 -28.67 -3.25 10.28
CA GLU B 74 -30.07 -3.57 9.99
C GLU B 74 -30.26 -3.77 8.48
N ARG B 75 -29.57 -2.96 7.67
CA ARG B 75 -29.65 -3.12 6.21
C ARG B 75 -29.29 -4.52 5.77
N TYR B 76 -28.17 -5.03 6.26
CA TYR B 76 -27.74 -6.36 5.89
C TYR B 76 -28.57 -7.45 6.56
N GLN B 77 -29.04 -7.22 7.79
CA GLN B 77 -29.99 -8.14 8.41
C GLN B 77 -31.20 -8.36 7.52
N THR B 78 -31.73 -7.26 6.97
CA THR B 78 -32.90 -7.32 6.11
C THR B 78 -32.59 -8.10 4.84
N ILE B 79 -31.45 -7.80 4.22
CA ILE B 79 -31.10 -8.48 2.97
C ILE B 79 -30.94 -9.98 3.15
N PHE B 80 -30.16 -10.39 4.14
CA PHE B 80 -29.92 -11.82 4.33
C PHE B 80 -31.18 -12.54 4.83
N SER B 81 -31.94 -11.90 5.71
CA SER B 81 -33.25 -12.48 6.10
C SER B 81 -34.18 -12.69 4.89
N ASP B 82 -34.20 -11.73 3.97
CA ASP B 82 -35.03 -11.87 2.76
C ASP B 82 -34.60 -13.07 1.93
N MET B 83 -33.29 -13.33 1.89
CA MET B 83 -32.79 -14.50 1.19
C MET B 83 -33.15 -15.81 1.90
N GLY B 84 -33.32 -15.75 3.22
CA GLY B 84 -33.70 -16.91 4.01
C GLY B 84 -32.49 -17.57 4.63
N VAL B 85 -32.30 -17.30 5.91
CA VAL B 85 -31.19 -17.86 6.67
C VAL B 85 -31.72 -18.43 7.96
N LYS B 86 -30.90 -19.22 8.63
CA LYS B 86 -31.30 -19.81 9.88
C LYS B 86 -31.25 -18.81 11.03
N GLU B 87 -30.16 -18.04 11.10
CA GLU B 87 -29.95 -17.11 12.21
C GLU B 87 -29.03 -15.98 11.78
N LEU B 88 -29.30 -14.80 12.33
CA LEU B 88 -28.45 -13.63 12.14
C LEU B 88 -28.08 -13.03 13.51
N LYS B 89 -26.89 -12.46 13.58
CA LYS B 89 -26.51 -11.60 14.69
C LYS B 89 -25.67 -10.44 14.20
N VAL B 90 -26.01 -9.24 14.69
CA VAL B 90 -25.16 -8.08 14.48
C VAL B 90 -24.15 -8.02 15.63
N LEU B 91 -22.88 -8.18 15.29
CA LEU B 91 -21.79 -8.18 16.27
C LEU B 91 -21.34 -6.74 16.35
N ASP B 92 -22.03 -5.99 17.17
CA ASP B 92 -21.91 -4.54 17.22
C ASP B 92 -20.75 -4.15 18.14
N ILE B 93 -19.52 -4.35 17.67
CA ILE B 93 -18.35 -4.09 18.46
C ILE B 93 -18.02 -2.63 18.31
N ARG B 94 -18.07 -1.89 19.41
CA ARG B 94 -17.78 -0.45 19.40
C ARG B 94 -16.59 -0.09 20.25
N ASP B 95 -16.05 -1.06 20.99
CA ASP B 95 -14.78 -0.86 21.68
C ASP B 95 -14.02 -2.18 21.73
N ARG B 96 -12.71 -2.13 21.93
CA ARG B 96 -11.90 -3.35 21.92
C ARG B 96 -12.35 -4.35 22.97
N ALA B 97 -12.89 -3.86 24.10
CA ALA B 97 -13.42 -4.75 25.15
C ALA B 97 -14.45 -5.73 24.65
N GLN B 98 -15.27 -5.33 23.69
CA GLN B 98 -16.27 -6.25 23.18
C GLN B 98 -15.66 -7.38 22.39
N GLY B 99 -14.40 -7.21 21.97
CA GLY B 99 -13.68 -8.32 21.35
C GLY B 99 -13.39 -9.46 22.33
N ASP B 100 -13.58 -9.20 23.63
CA ASP B 100 -13.46 -10.24 24.64
C ASP B 100 -14.81 -10.79 25.07
N ASP B 101 -15.91 -10.22 24.57
CA ASP B 101 -17.27 -10.54 25.07
C ASP B 101 -17.60 -12.01 24.78
N SER B 102 -17.95 -12.75 25.83
CA SER B 102 -18.21 -14.18 25.62
C SER B 102 -19.40 -14.48 24.72
N GLY B 103 -20.45 -13.67 24.79
CA GLY B 103 -21.61 -13.88 23.92
C GLY B 103 -21.25 -13.78 22.44
N TYR B 104 -20.53 -12.75 22.07
CA TYR B 104 -20.13 -12.62 20.67
C TYR B 104 -19.17 -13.74 20.27
N ARG B 105 -18.25 -14.08 21.16
CA ARG B 105 -17.29 -15.14 20.87
C ARG B 105 -17.99 -16.50 20.73
N LEU B 106 -18.98 -16.76 21.58
CA LEU B 106 -19.82 -17.96 21.42
C LEU B 106 -20.49 -17.99 20.05
N PHE B 107 -21.05 -16.85 19.62
CA PHE B 107 -21.68 -16.82 18.31
C PHE B 107 -20.68 -17.16 17.20
N VAL B 108 -19.48 -16.61 17.33
CA VAL B 108 -18.43 -16.89 16.32
C VAL B 108 -18.12 -18.39 16.22
N GLU B 109 -18.21 -19.14 17.33
CA GLU B 109 -18.03 -20.58 17.31
C GLU B 109 -19.17 -21.30 16.60
N GLN B 110 -20.35 -20.68 16.61
CA GLN B 110 -21.55 -21.31 16.04
C GLN B 110 -21.80 -20.93 14.58
N CYS B 111 -21.23 -19.82 14.13
CA CYS B 111 -21.65 -19.23 12.87
C CYS B 111 -21.11 -20.02 11.68
N THR B 112 -21.66 -19.73 10.50
CA THR B 112 -21.20 -20.33 9.26
C THR B 112 -20.66 -19.26 8.30
N GLY B 113 -20.86 -17.99 8.62
CA GLY B 113 -20.34 -16.92 7.77
C GLY B 113 -20.30 -15.62 8.52
N ILE B 114 -19.36 -14.75 8.15
CA ILE B 114 -19.19 -13.43 8.75
C ILE B 114 -19.12 -12.41 7.62
N PHE B 115 -19.87 -11.31 7.76
CA PHE B 115 -19.89 -10.23 6.78
C PHE B 115 -19.41 -8.92 7.42
N MET B 116 -18.38 -8.30 6.87
CA MET B 116 -17.83 -7.04 7.37
C MET B 116 -18.28 -5.92 6.44
N THR B 117 -19.02 -4.98 7.02
CA THR B 117 -19.60 -3.89 6.26
C THR B 117 -18.55 -2.82 5.98
N GLY B 118 -18.95 -1.87 5.14
CA GLY B 118 -18.14 -0.71 4.82
C GLY B 118 -18.12 0.27 5.98
N GLY B 119 -17.37 1.34 5.76
CA GLY B 119 -17.11 2.38 6.73
C GLY B 119 -15.66 2.81 6.58
N ASP B 120 -14.91 2.77 7.67
CA ASP B 120 -13.50 3.14 7.66
C ASP B 120 -12.64 1.96 8.11
N GLN B 121 -11.67 1.59 7.28
CA GLN B 121 -10.86 0.41 7.54
C GLN B 121 -9.88 0.56 8.71
N LEU B 122 -9.38 1.76 8.94
CA LEU B 122 -8.55 1.97 10.13
C LEU B 122 -9.35 1.76 11.41
N ARG B 123 -10.58 2.25 11.40
CA ARG B 123 -11.47 2.06 12.55
C ARG B 123 -11.76 0.60 12.80
N LEU B 124 -12.10 -0.12 11.74
CA LEU B 124 -12.40 -1.54 11.84
C LEU B 124 -11.22 -2.31 12.43
N CYS B 125 -10.01 -2.09 11.91
CA CYS B 125 -8.84 -2.75 12.50
C CYS B 125 -8.54 -2.33 13.92
N GLY B 126 -8.72 -1.07 14.21
CA GLY B 126 -8.46 -0.57 15.55
C GLY B 126 -9.32 -1.28 16.58
N LEU B 127 -10.55 -1.56 16.20
CA LEU B 127 -11.51 -2.23 17.10
C LEU B 127 -11.33 -3.76 17.15
N LEU B 128 -10.97 -4.38 16.02
CA LEU B 128 -11.01 -5.85 15.89
C LEU B 128 -9.68 -6.56 15.88
N ALA B 129 -8.62 -5.91 15.39
CA ALA B 129 -7.36 -6.63 15.18
C ALA B 129 -6.82 -7.14 16.50
N ASP B 130 -6.39 -8.40 16.48
CA ASP B 130 -5.74 -9.05 17.62
C ASP B 130 -6.63 -9.18 18.86
N THR B 131 -7.94 -9.14 18.67
CA THR B 131 -8.90 -9.48 19.72
C THR B 131 -9.17 -10.98 19.69
N PRO B 132 -9.55 -11.56 20.83
CA PRO B 132 -9.91 -12.97 20.81
C PRO B 132 -10.99 -13.27 19.77
N LEU B 133 -11.96 -12.37 19.60
CA LEU B 133 -13.05 -12.59 18.67
C LEU B 133 -12.53 -12.70 17.23
N MET B 134 -11.75 -11.69 16.81
CA MET B 134 -11.27 -11.69 15.43
C MET B 134 -10.26 -12.80 15.20
N ASP B 135 -9.44 -13.10 16.20
CA ASP B 135 -8.46 -14.16 16.01
C ASP B 135 -9.19 -15.46 15.71
N ARG B 136 -10.32 -15.71 16.37
CA ARG B 136 -11.08 -16.92 16.08
C ARG B 136 -11.82 -16.88 14.75
N ILE B 137 -12.35 -15.73 14.37
CA ILE B 137 -12.89 -15.62 13.01
C ILE B 137 -11.84 -15.98 11.97
N ARG B 138 -10.66 -15.37 12.09
CA ARG B 138 -9.58 -15.64 11.15
C ARG B 138 -9.23 -17.11 11.12
N GLN B 139 -9.12 -17.72 12.30
CA GLN B 139 -8.78 -19.15 12.36
C GLN B 139 -9.85 -20.04 11.73
N ARG B 140 -11.13 -19.75 12.01
CA ARG B 140 -12.20 -20.55 11.40
C ARG B 140 -12.26 -20.39 9.88
N VAL B 141 -11.97 -19.20 9.39
CA VAL B 141 -11.89 -18.95 7.95
C VAL B 141 -10.69 -19.75 7.38
N HIS B 142 -9.52 -19.62 8.00
CA HIS B 142 -8.35 -20.37 7.54
C HIS B 142 -8.55 -21.88 7.56
N ASN B 143 -9.26 -22.37 8.56
CA ASN B 143 -9.53 -23.79 8.69
C ASN B 143 -10.61 -24.29 7.74
N GLY B 144 -11.23 -23.39 6.98
CA GLY B 144 -12.24 -23.79 5.99
C GLY B 144 -13.59 -24.07 6.60
N GLU B 145 -13.85 -23.48 7.78
CA GLU B 145 -15.09 -23.79 8.50
C GLU B 145 -16.19 -22.80 8.19
N ILE B 146 -15.83 -21.55 7.93
CA ILE B 146 -16.82 -20.51 7.67
C ILE B 146 -16.42 -19.67 6.47
N SER B 147 -17.39 -19.01 5.88
CA SER B 147 -17.12 -18.03 4.83
C SER B 147 -16.96 -16.66 5.44
N LEU B 148 -16.27 -15.79 4.71
CA LEU B 148 -16.04 -14.41 5.12
C LEU B 148 -16.27 -13.53 3.93
N ALA B 149 -16.99 -12.43 4.11
CA ALA B 149 -17.09 -11.41 3.08
C ALA B 149 -16.84 -10.07 3.72
N GLY B 150 -16.23 -9.18 2.96
CA GLY B 150 -16.05 -7.82 3.36
C GLY B 150 -16.22 -6.92 2.18
N THR B 151 -16.89 -5.79 2.38
CA THR B 151 -17.09 -4.82 1.33
C THR B 151 -16.55 -3.46 1.73
N SER B 152 -15.94 -2.77 0.76
CA SER B 152 -15.39 -1.42 0.97
C SER B 152 -14.34 -1.48 2.09
N ALA B 153 -14.51 -0.80 3.21
CA ALA B 153 -13.57 -0.97 4.32
C ALA B 153 -13.35 -2.42 4.70
N GLY B 154 -14.41 -3.22 4.66
CA GLY B 154 -14.32 -4.63 4.99
C GLY B 154 -13.50 -5.47 4.02
N ALA B 155 -13.37 -5.00 2.78
CA ALA B 155 -12.45 -5.58 1.80
C ALA B 155 -11.02 -5.13 2.06
N ALA B 156 -10.85 -3.85 2.37
CA ALA B 156 -9.52 -3.30 2.53
C ALA B 156 -8.72 -4.02 3.62
N VAL B 157 -9.41 -4.48 4.68
CA VAL B 157 -8.73 -5.15 5.80
C VAL B 157 -8.23 -6.56 5.52
N MET B 158 -8.51 -7.10 4.34
CA MET B 158 -8.22 -8.52 4.10
C MET B 158 -6.75 -8.92 4.10
N GLY B 159 -5.88 -8.05 3.57
CA GLY B 159 -4.47 -8.33 3.58
C GLY B 159 -3.83 -8.08 4.93
N HIS B 160 -2.58 -8.52 5.08
CA HIS B 160 -1.78 -8.11 6.21
C HIS B 160 -1.39 -6.63 6.07
N HIS B 161 -0.99 -6.26 4.86
CA HIS B 161 -0.70 -4.87 4.51
C HIS B 161 -1.95 -4.32 3.88
N MET B 162 -2.37 -3.15 4.36
CA MET B 162 -3.63 -2.57 3.99
C MET B 162 -3.43 -1.15 3.45
N ILE B 163 -4.21 -0.82 2.43
CA ILE B 163 -4.36 0.54 1.96
C ILE B 163 -5.46 1.20 2.77
N ALA B 164 -5.05 2.12 3.64
CA ALA B 164 -5.95 2.79 4.56
C ALA B 164 -6.52 4.10 3.99
N GLY B 165 -5.92 4.59 2.90
CA GLY B 165 -6.30 5.86 2.32
C GLY B 165 -5.33 6.23 1.21
N GLY B 166 -5.55 7.41 0.64
CA GLY B 166 -4.72 7.87 -0.46
C GLY B 166 -5.56 8.48 -1.54
N SER B 167 -4.89 9.14 -2.45
CA SER B 167 -5.53 9.97 -3.44
C SER B 167 -5.35 9.43 -4.86
N SER B 168 -5.84 10.20 -5.83
CA SER B 168 -5.70 9.93 -7.22
C SER B 168 -5.22 11.16 -7.95
N GLY B 169 -5.10 11.09 -9.26
CA GLY B 169 -4.71 12.27 -10.00
C GLY B 169 -3.25 12.69 -9.89
N GLU B 170 -2.41 11.73 -9.54
CA GLU B 170 -0.98 11.89 -9.40
C GLU B 170 -0.29 10.67 -9.97
N TRP B 171 0.95 10.84 -10.40
CA TRP B 171 1.77 9.66 -10.71
C TRP B 171 2.03 8.89 -9.42
N PRO B 172 2.34 7.60 -9.53
CA PRO B 172 2.66 6.83 -8.35
C PRO B 172 3.84 7.43 -7.58
N ASN B 173 3.66 7.54 -6.26
CA ASN B 173 4.66 8.00 -5.34
C ASN B 173 4.27 7.46 -3.97
N ARG B 174 5.24 7.23 -3.10
CA ARG B 174 4.89 6.60 -1.81
C ARG B 174 3.93 7.44 -1.01
N ALA B 175 4.05 8.76 -1.07
CA ALA B 175 3.16 9.65 -0.32
C ALA B 175 1.71 9.63 -0.79
N LEU B 176 1.45 9.04 -1.95
CA LEU B 176 0.09 8.96 -2.50
C LEU B 176 -0.80 7.97 -1.76
N VAL B 177 -0.19 7.01 -1.08
CA VAL B 177 -0.95 5.94 -0.46
C VAL B 177 -0.61 5.92 1.04
N ASP B 178 -1.63 5.64 1.84
CA ASP B 178 -1.48 5.52 3.29
C ASP B 178 -1.57 4.03 3.65
N MET B 179 -0.44 3.44 3.99
CA MET B 179 -0.37 2.04 4.33
C MET B 179 -0.53 1.82 5.83
N ALA B 180 -1.13 0.68 6.18
CA ALA B 180 -1.38 0.30 7.55
C ALA B 180 -1.39 -1.21 7.64
N VAL B 181 -1.71 -1.70 8.82
CA VAL B 181 -1.79 -3.13 9.07
C VAL B 181 -3.25 -3.56 9.01
N GLY B 182 -3.53 -4.56 8.20
CA GLY B 182 -4.87 -5.12 8.08
C GLY B 182 -5.04 -6.33 8.99
N LEU B 183 -6.08 -7.10 8.70
CA LEU B 183 -6.43 -8.27 9.50
C LEU B 183 -5.74 -9.56 9.09
N GLY B 184 -5.07 -9.57 7.95
CA GLY B 184 -4.25 -10.70 7.58
C GLY B 184 -5.02 -11.97 7.26
N ILE B 185 -6.21 -11.79 6.70
CA ILE B 185 -7.02 -12.92 6.26
C ILE B 185 -6.40 -13.63 5.06
N VAL B 186 -5.94 -12.78 4.13
N VAL B 186 -5.92 -12.92 4.05
CA VAL B 186 -5.21 -13.14 2.91
CA VAL B 186 -5.43 -13.60 2.84
C VAL B 186 -3.90 -12.32 2.89
C VAL B 186 -3.93 -13.35 2.71
N PRO B 187 -2.89 -12.78 3.64
N PRO B 187 -3.12 -14.43 2.59
CA PRO B 187 -1.67 -11.98 3.81
CA PRO B 187 -1.68 -14.18 2.47
C PRO B 187 -0.83 -11.72 2.56
C PRO B 187 -1.25 -13.52 1.16
N GLU B 188 -1.01 -12.46 1.48
N GLU B 188 -0.29 -12.61 1.29
CA GLU B 188 -0.07 -12.36 0.36
CA GLU B 188 0.42 -12.03 0.17
C GLU B 188 -0.56 -11.41 -0.74
C GLU B 188 -0.51 -11.33 -0.84
N ILE B 189 -1.58 -10.66 -0.40
CA ILE B 189 -2.27 -9.72 -1.31
C ILE B 189 -2.37 -8.36 -0.65
N VAL B 190 -2.54 -7.34 -1.48
CA VAL B 190 -2.93 -6.03 -1.01
C VAL B 190 -4.16 -5.61 -1.82
N VAL B 191 -5.22 -5.24 -1.11
CA VAL B 191 -6.50 -4.94 -1.71
C VAL B 191 -6.73 -3.45 -1.86
N ASP B 192 -7.27 -3.06 -3.01
CA ASP B 192 -7.90 -1.76 -3.10
C ASP B 192 -9.32 -1.88 -3.62
N GLN B 193 -10.13 -0.89 -3.30
CA GLN B 193 -11.57 -1.01 -3.52
C GLN B 193 -12.18 0.32 -4.03
N HIS B 194 -13.45 0.28 -4.42
CA HIS B 194 -14.05 1.33 -5.28
C HIS B 194 -13.04 1.70 -6.37
N PHE B 195 -12.43 0.68 -6.95
CA PHE B 195 -11.13 0.84 -7.61
C PHE B 195 -11.12 1.79 -8.82
N HIS B 196 -11.69 1.38 -9.95
CA HIS B 196 -11.68 2.25 -11.11
C HIS B 196 -12.59 3.43 -10.93
N ASN B 197 -13.63 3.25 -10.11
CA ASN B 197 -14.60 4.27 -9.87
C ASN B 197 -13.98 5.53 -9.25
N ARG B 198 -12.94 5.32 -8.43
CA ARG B 198 -12.21 6.39 -7.77
C ARG B 198 -10.77 6.48 -8.27
N ASN B 199 -10.50 5.88 -9.42
CA ASN B 199 -9.20 6.03 -10.10
C ASN B 199 -8.03 5.67 -9.18
N ARG B 200 -8.13 4.52 -8.55
CA ARG B 200 -7.17 4.15 -7.52
C ARG B 200 -5.96 3.35 -8.01
N MET B 201 -5.78 3.19 -9.32
CA MET B 201 -4.59 2.44 -9.77
C MET B 201 -3.27 3.04 -9.31
N ALA B 202 -3.11 4.36 -9.34
CA ALA B 202 -1.83 4.92 -8.93
C ALA B 202 -1.53 4.63 -7.46
N ARG B 203 -2.53 4.72 -6.58
CA ARG B 203 -2.26 4.43 -5.18
C ARG B 203 -1.96 2.96 -4.96
N LEU B 204 -2.59 2.08 -5.72
CA LEU B 204 -2.29 0.66 -5.60
C LEU B 204 -0.89 0.38 -6.09
N LEU B 205 -0.50 0.98 -7.22
CA LEU B 205 0.88 0.86 -7.71
C LEU B 205 1.89 1.36 -6.69
N SER B 206 1.52 2.43 -6.00
CA SER B 206 2.37 3.01 -4.97
C SER B 206 2.54 2.05 -3.79
N ALA B 207 1.46 1.38 -3.42
CA ALA B 207 1.50 0.36 -2.36
C ALA B 207 2.36 -0.84 -2.78
N ILE B 208 2.17 -1.30 -4.02
CA ILE B 208 2.92 -2.46 -4.56
C ILE B 208 4.41 -2.15 -4.67
N SER B 209 4.76 -0.89 -4.89
CA SER B 209 6.15 -0.52 -4.96
C SER B 209 6.82 -0.74 -3.61
N THR B 210 6.10 -0.48 -2.53
CA THR B 210 6.62 -0.66 -1.17
C THR B 210 6.68 -2.17 -0.78
N HIS B 211 5.82 -2.98 -1.41
CA HIS B 211 5.60 -4.38 -1.06
C HIS B 211 5.45 -5.24 -2.30
N PRO B 212 6.49 -5.34 -3.12
CA PRO B 212 6.27 -5.96 -4.43
C PRO B 212 6.11 -7.46 -4.40
N GLU B 213 6.29 -8.07 -3.22
CA GLU B 213 5.93 -9.46 -3.03
C GLU B 213 4.43 -9.72 -2.99
N LEU B 214 3.64 -8.66 -2.81
CA LEU B 214 2.17 -8.78 -2.63
C LEU B 214 1.48 -8.64 -3.95
N LEU B 215 0.56 -9.53 -4.24
CA LEU B 215 -0.28 -9.37 -5.41
C LEU B 215 -1.32 -8.29 -5.12
N GLY B 216 -1.37 -7.27 -5.97
CA GLY B 216 -2.35 -6.21 -5.81
C GLY B 216 -3.64 -6.63 -6.46
N LEU B 217 -4.75 -6.41 -5.75
CA LEU B 217 -6.08 -6.65 -6.29
C LEU B 217 -6.87 -5.35 -6.21
N GLY B 218 -7.13 -4.75 -7.36
CA GLY B 218 -7.94 -3.57 -7.43
C GLY B 218 -9.36 -3.94 -7.81
N ILE B 219 -10.31 -3.79 -6.89
CA ILE B 219 -11.65 -4.33 -7.04
C ILE B 219 -12.64 -3.18 -7.21
N ASP B 220 -13.33 -3.18 -8.34
CA ASP B 220 -14.32 -2.14 -8.64
C ASP B 220 -15.57 -2.25 -7.77
N GLU B 221 -16.34 -1.17 -7.75
CA GLU B 221 -17.64 -1.21 -7.09
C GLU B 221 -18.49 -2.33 -7.65
N ASP B 222 -19.31 -2.92 -6.77
CA ASP B 222 -20.22 -4.00 -7.18
C ASP B 222 -19.52 -5.10 -7.96
N THR B 223 -18.27 -5.37 -7.56
CA THR B 223 -17.47 -6.45 -8.11
C THR B 223 -16.82 -7.15 -6.92
N CYS B 224 -16.45 -8.40 -7.11
CA CYS B 224 -15.95 -9.23 -6.04
C CYS B 224 -14.88 -10.14 -6.59
N ALA B 225 -13.78 -10.27 -5.83
CA ALA B 225 -12.79 -11.34 -6.00
C ALA B 225 -13.08 -12.39 -4.92
N MET B 226 -13.46 -13.59 -5.34
CA MET B 226 -13.87 -14.62 -4.43
C MET B 226 -12.74 -15.67 -4.42
N PHE B 227 -12.07 -15.77 -3.27
CA PHE B 227 -10.96 -16.68 -3.08
C PHE B 227 -11.55 -18.01 -2.68
N GLU B 228 -11.32 -19.01 -3.52
CA GLU B 228 -11.79 -20.38 -3.28
C GLU B 228 -10.74 -21.24 -2.60
N ARG B 229 -11.18 -22.31 -1.92
CA ARG B 229 -10.25 -23.17 -1.18
C ARG B 229 -9.24 -23.85 -2.08
N ASP B 230 -9.58 -24.04 -3.36
CA ASP B 230 -8.62 -24.67 -4.30
C ASP B 230 -7.50 -23.77 -4.75
N GLY B 231 -7.50 -22.51 -4.30
CA GLY B 231 -6.47 -21.57 -4.64
C GLY B 231 -6.81 -20.64 -5.78
N SER B 232 -7.95 -20.86 -6.43
CA SER B 232 -8.40 -19.99 -7.50
C SER B 232 -9.14 -18.75 -6.95
N VAL B 233 -9.18 -17.70 -7.77
CA VAL B 233 -9.93 -16.49 -7.49
C VAL B 233 -10.94 -16.26 -8.61
N LYS B 234 -12.21 -16.32 -8.29
CA LYS B 234 -13.28 -16.11 -9.26
C LYS B 234 -13.81 -14.71 -9.14
N VAL B 235 -13.95 -14.02 -10.26
CA VAL B 235 -14.49 -12.67 -10.28
C VAL B 235 -16.01 -12.73 -10.51
N ILE B 236 -16.75 -11.94 -9.74
CA ILE B 236 -18.20 -11.86 -9.83
C ILE B 236 -18.62 -10.41 -9.84
N GLY B 237 -19.61 -10.07 -10.63
CA GLY B 237 -20.28 -8.80 -10.53
C GLY B 237 -20.15 -7.92 -11.75
N GLN B 238 -20.25 -6.61 -11.52
CA GLN B 238 -20.52 -5.64 -12.57
C GLN B 238 -19.30 -5.09 -13.29
N GLY B 239 -18.17 -5.03 -12.58
CA GLY B 239 -17.00 -4.35 -13.12
C GLY B 239 -15.83 -5.28 -13.31
N THR B 240 -14.64 -4.81 -12.92
CA THR B 240 -13.41 -5.54 -13.09
C THR B 240 -12.64 -5.72 -11.77
N VAL B 241 -11.77 -6.72 -11.78
CA VAL B 241 -10.71 -6.89 -10.77
C VAL B 241 -9.38 -6.85 -11.48
N SER B 242 -8.50 -5.96 -11.02
CA SER B 242 -7.17 -5.79 -11.60
C SER B 242 -6.17 -6.49 -10.73
N PHE B 243 -5.45 -7.44 -11.30
CA PHE B 243 -4.41 -8.20 -10.62
C PHE B 243 -3.08 -7.61 -11.05
N VAL B 244 -2.43 -6.92 -10.12
CA VAL B 244 -1.23 -6.13 -10.42
C VAL B 244 -0.08 -6.86 -9.75
N ASP B 245 0.81 -7.41 -10.56
CA ASP B 245 1.79 -8.37 -10.09
C ASP B 245 3.20 -7.87 -10.37
N ALA B 246 3.93 -7.55 -9.30
CA ALA B 246 5.33 -7.08 -9.37
C ALA B 246 6.33 -8.14 -8.94
N ARG B 247 5.92 -9.39 -8.87
CA ARG B 247 6.83 -10.44 -8.38
C ARG B 247 8.00 -10.72 -9.36
N ASP B 248 7.82 -10.36 -10.63
CA ASP B 248 8.89 -10.49 -11.63
C ASP B 248 9.41 -9.12 -12.07
N MET B 249 9.18 -8.12 -11.23
CA MET B 249 9.65 -6.79 -11.53
C MET B 249 11.16 -6.78 -11.75
N SER B 250 11.58 -6.15 -12.84
CA SER B 250 12.99 -6.17 -13.22
C SER B 250 13.76 -5.06 -12.58
N TYR B 251 13.09 -3.98 -12.22
CA TYR B 251 13.71 -2.83 -11.62
C TYR B 251 12.62 -1.94 -11.05
N THR B 252 12.98 -1.28 -9.96
CA THR B 252 12.24 -0.12 -9.46
C THR B 252 13.23 0.86 -8.87
N ASN B 253 12.94 2.15 -8.99
CA ASN B 253 13.74 3.16 -8.28
C ASN B 253 13.31 3.38 -6.83
N ALA B 254 12.36 2.56 -6.35
CA ALA B 254 11.76 2.80 -5.04
C ALA B 254 12.78 3.00 -3.91
N ALA B 255 13.83 2.17 -3.85
CA ALA B 255 14.81 2.29 -2.75
C ALA B 255 15.68 3.55 -2.80
N LEU B 256 15.68 4.23 -3.94
CA LEU B 256 16.58 5.32 -4.21
C LEU B 256 15.94 6.69 -4.06
N VAL B 257 14.61 6.75 -4.14
CA VAL B 257 13.96 8.04 -4.22
C VAL B 257 13.13 8.34 -2.97
N GLY B 258 12.85 9.62 -2.79
CA GLY B 258 12.00 10.07 -1.72
C GLY B 258 10.52 9.73 -1.88
N ALA B 259 9.77 9.97 -0.82
CA ALA B 259 8.39 9.57 -0.78
C ALA B 259 7.50 10.35 -1.75
N ASN B 260 7.91 11.55 -2.15
CA ASN B 260 7.09 12.38 -3.00
C ASN B 260 7.57 12.40 -4.45
N ALA B 261 8.55 11.56 -4.76
CA ALA B 261 9.12 11.49 -6.08
C ALA B 261 8.41 10.40 -6.88
N PRO B 262 8.40 10.54 -8.22
CA PRO B 262 7.73 9.52 -9.01
C PRO B 262 8.47 8.18 -8.98
N LEU B 263 7.68 7.11 -8.97
CA LEU B 263 8.16 5.77 -8.90
C LEU B 263 8.18 5.13 -10.27
N SER B 264 9.22 4.33 -10.52
CA SER B 264 9.28 3.47 -11.70
C SER B 264 9.10 2.04 -11.26
N LEU B 265 8.46 1.27 -12.11
CA LEU B 265 8.16 -0.13 -11.86
C LEU B 265 8.27 -0.82 -13.20
N HIS B 266 9.30 -1.63 -13.39
CA HIS B 266 9.55 -2.25 -14.69
C HIS B 266 9.13 -3.70 -14.68
N ASN B 267 8.55 -4.15 -15.78
CA ASN B 267 8.17 -5.55 -15.99
C ASN B 267 7.07 -6.05 -15.07
N LEU B 268 6.05 -5.22 -14.86
CA LEU B 268 4.84 -5.61 -14.12
C LEU B 268 3.93 -6.49 -14.97
N ARG B 269 3.22 -7.39 -14.36
CA ARG B 269 2.21 -8.14 -15.07
C ARG B 269 0.86 -7.65 -14.62
N LEU B 270 -0.04 -7.39 -15.56
CA LEU B 270 -1.37 -6.87 -15.28
C LEU B 270 -2.41 -7.77 -15.94
N ASN B 271 -3.38 -8.19 -15.15
CA ASN B 271 -4.53 -8.97 -15.63
C ASN B 271 -5.79 -8.28 -15.15
N ILE B 272 -6.65 -7.88 -16.07
CA ILE B 272 -7.92 -7.26 -15.72
C ILE B 272 -8.99 -8.27 -16.05
N LEU B 273 -9.74 -8.69 -15.02
CA LEU B 273 -10.75 -9.75 -15.16
C LEU B 273 -12.15 -9.23 -14.92
N VAL B 274 -13.11 -9.89 -15.56
CA VAL B 274 -14.54 -9.60 -15.41
C VAL B 274 -15.28 -10.83 -14.92
N HIS B 275 -16.58 -10.63 -14.69
CA HIS B 275 -17.45 -11.68 -14.17
C HIS B 275 -17.26 -13.01 -14.89
N GLY B 276 -17.03 -14.04 -14.08
CA GLY B 276 -16.95 -15.44 -14.50
C GLY B 276 -15.54 -15.87 -14.83
N GLU B 277 -14.63 -14.91 -14.96
CA GLU B 277 -13.22 -15.24 -15.22
C GLU B 277 -12.53 -15.63 -13.91
N VAL B 278 -11.39 -16.32 -14.04
CA VAL B 278 -10.71 -16.91 -12.90
C VAL B 278 -9.21 -16.61 -12.98
N TYR B 279 -8.62 -16.24 -11.85
CA TYR B 279 -7.17 -16.08 -11.75
C TYR B 279 -6.66 -17.23 -10.88
N HIS B 280 -5.69 -17.97 -11.39
CA HIS B 280 -5.13 -19.09 -10.66
C HIS B 280 -3.91 -18.63 -9.95
N GLN B 281 -3.94 -18.70 -8.62
CA GLN B 281 -2.85 -18.14 -7.84
C GLN B 281 -1.54 -18.90 -8.04
N VAL B 282 -1.60 -20.23 -8.11
CA VAL B 282 -0.35 -20.99 -8.21
C VAL B 282 0.37 -20.76 -9.55
N LYS B 283 -0.36 -20.89 -10.66
CA LYS B 283 0.25 -20.71 -11.99
C LYS B 283 0.33 -19.25 -12.42
N GLN B 284 -0.33 -18.38 -11.67
CA GLN B 284 -0.30 -16.94 -11.91
C GLN B 284 -0.80 -16.62 -13.31
N ARG B 285 -1.96 -17.16 -13.63
CA ARG B 285 -2.56 -17.05 -14.95
C ARG B 285 -4.06 -16.86 -14.83
N ALA B 286 -4.61 -16.03 -15.71
CA ALA B 286 -6.06 -15.81 -15.78
C ALA B 286 -6.65 -16.59 -16.93
N PHE B 287 -7.93 -16.92 -16.79
CA PHE B 287 -8.68 -17.66 -17.78
C PHE B 287 -10.06 -17.06 -17.99
N PRO B 288 -10.52 -17.06 -19.24
CA PRO B 288 -11.86 -16.61 -19.52
C PRO B 288 -12.92 -17.52 -18.94
N ARG B 289 -14.15 -17.01 -18.95
CA ARG B 289 -15.34 -17.73 -18.53
C ARG B 289 -15.49 -19.01 -19.35
N SER C 24 -6.87 0.49 38.74
CA SER C 24 -7.89 -0.60 38.68
C SER C 24 -7.27 -1.95 39.04
N SER C 25 -7.98 -3.03 38.71
CA SER C 25 -7.44 -4.37 38.77
C SER C 25 -7.68 -5.14 37.46
N GLN C 26 -7.88 -4.41 36.36
CA GLN C 26 -8.08 -5.02 35.04
C GLN C 26 -6.75 -5.63 34.60
N PRO C 27 -6.75 -6.90 34.14
CA PRO C 27 -5.51 -7.43 33.61
C PRO C 27 -4.81 -6.53 32.59
N ALA C 28 -3.50 -6.50 32.68
CA ALA C 28 -2.68 -5.68 31.78
C ALA C 28 -1.33 -6.32 31.59
N ILE C 29 -0.57 -5.79 30.62
CA ILE C 29 0.79 -6.21 30.36
C ILE C 29 1.72 -5.06 30.75
N LEU C 30 2.60 -5.32 31.70
CA LEU C 30 3.52 -4.30 32.22
C LEU C 30 4.91 -4.59 31.71
N ILE C 31 5.44 -3.69 30.91
CA ILE C 31 6.77 -3.83 30.33
C ILE C 31 7.69 -2.85 31.06
N ILE C 32 8.62 -3.38 31.87
CA ILE C 32 9.35 -2.61 32.88
C ILE C 32 10.83 -2.51 32.48
N GLY C 33 11.40 -1.31 32.58
CA GLY C 33 12.73 -1.05 32.02
C GLY C 33 13.93 -1.51 32.84
N GLY C 34 13.69 -2.32 33.85
CA GLY C 34 14.74 -2.81 34.72
C GLY C 34 14.98 -1.93 35.93
N ALA C 35 15.68 -2.50 36.92
CA ALA C 35 16.10 -1.80 38.12
C ALA C 35 14.95 -1.05 38.79
N GLU C 36 13.77 -1.68 38.81
CA GLU C 36 12.59 -1.04 39.35
C GLU C 36 12.67 -1.00 40.86
N ASP C 37 11.97 -0.03 41.46
CA ASP C 37 12.02 0.21 42.90
C ASP C 37 11.50 -1.00 43.70
N LYS C 38 12.35 -1.55 44.55
CA LYS C 38 12.01 -2.73 45.33
C LYS C 38 12.01 -2.39 46.80
N VAL C 39 12.22 -1.13 47.14
CA VAL C 39 12.49 -0.75 48.52
C VAL C 39 11.63 0.38 49.06
N HIS C 40 11.21 1.32 48.22
CA HIS C 40 10.46 2.47 48.70
C HIS C 40 8.97 2.29 48.42
N GLY C 41 8.36 3.14 47.61
CA GLY C 41 6.96 2.99 47.26
C GLY C 41 6.65 1.77 46.42
N ARG C 42 7.63 1.28 45.66
CA ARG C 42 7.47 0.11 44.78
C ARG C 42 6.26 0.32 43.86
N GLU C 43 6.16 1.50 43.28
CA GLU C 43 5.01 1.91 42.49
C GLU C 43 4.66 0.91 41.38
N ILE C 44 5.66 0.54 40.59
CA ILE C 44 5.44 -0.35 39.45
C ILE C 44 5.04 -1.75 39.94
N LEU C 45 5.78 -2.28 40.90
CA LEU C 45 5.47 -3.61 41.42
C LEU C 45 4.09 -3.64 42.09
N GLN C 46 3.71 -2.56 42.77
CA GLN C 46 2.38 -2.48 43.36
C GLN C 46 1.29 -2.49 42.29
N THR C 47 1.56 -1.86 41.15
CA THR C 47 0.60 -1.83 40.09
C THR C 47 0.38 -3.24 39.54
N PHE C 48 1.46 -3.99 39.32
CA PHE C 48 1.33 -5.38 38.87
C PHE C 48 0.51 -6.20 39.88
N TRP C 49 0.82 -6.02 41.16
CA TRP C 49 0.10 -6.65 42.25
C TRP C 49 -1.40 -6.34 42.18
N SER C 50 -1.72 -5.06 42.02
CA SER C 50 -3.12 -4.63 41.92
C SER C 50 -3.83 -5.25 40.70
N ARG C 51 -3.15 -5.23 39.55
CA ARG C 51 -3.73 -5.73 38.31
C ARG C 51 -3.81 -7.26 38.30
N SER C 52 -3.14 -7.90 39.25
CA SER C 52 -3.21 -9.34 39.43
C SER C 52 -4.24 -9.75 40.50
N GLY C 53 -4.97 -8.78 41.06
CA GLY C 53 -6.02 -9.07 42.03
C GLY C 53 -5.72 -8.67 43.45
N GLY C 54 -4.58 -8.01 43.67
CA GLY C 54 -4.22 -7.52 44.99
C GLY C 54 -4.19 -8.65 46.01
N ASN C 55 -4.95 -8.52 47.11
CA ASN C 55 -4.97 -9.57 48.12
C ASN C 55 -5.49 -10.93 47.66
N ASP C 56 -6.22 -10.93 46.55
CA ASP C 56 -6.69 -12.16 45.93
C ASP C 56 -5.71 -12.69 44.86
N ALA C 57 -4.53 -12.08 44.70
CA ALA C 57 -3.62 -12.46 43.62
C ALA C 57 -2.98 -13.83 43.81
N ILE C 58 -2.83 -14.53 42.70
CA ILE C 58 -2.15 -15.80 42.64
C ILE C 58 -1.06 -15.59 41.59
N ILE C 59 0.15 -15.34 42.07
CA ILE C 59 1.22 -14.84 41.21
C ILE C 59 2.32 -15.86 41.02
N GLY C 60 2.68 -16.09 39.76
CA GLY C 60 3.83 -16.92 39.42
C GLY C 60 4.99 -16.04 39.03
N ILE C 61 6.18 -16.37 39.54
CA ILE C 61 7.40 -15.66 39.23
C ILE C 61 8.27 -16.56 38.38
N ILE C 62 8.69 -16.08 37.22
CA ILE C 62 9.58 -16.82 36.35
C ILE C 62 10.97 -16.17 36.36
N PRO C 63 11.93 -16.81 37.05
CA PRO C 63 13.30 -16.30 37.14
C PRO C 63 14.29 -16.88 36.12
N SER C 64 13.78 -17.58 35.11
CA SER C 64 14.59 -18.31 34.13
C SER C 64 15.61 -17.49 33.34
N ALA C 65 15.41 -16.17 33.25
CA ALA C 65 16.41 -15.30 32.63
C ALA C 65 17.72 -15.27 33.39
N SER C 66 17.66 -15.56 34.70
CA SER C 66 18.78 -15.40 35.60
C SER C 66 19.54 -16.68 35.83
N ARG C 67 20.83 -16.56 36.01
CA ARG C 67 21.66 -17.67 36.47
C ARG C 67 21.68 -17.80 38.00
N GLU C 68 20.93 -16.93 38.69
CA GLU C 68 20.73 -17.05 40.15
C GLU C 68 19.24 -17.05 40.45
N PRO C 69 18.50 -17.99 39.87
CA PRO C 69 17.04 -17.96 39.91
C PRO C 69 16.45 -18.11 41.32
N LEU C 70 17.11 -18.87 42.18
CA LEU C 70 16.62 -19.03 43.55
C LEU C 70 16.56 -17.69 44.27
N LEU C 71 17.68 -16.96 44.24
CA LEU C 71 17.78 -15.68 44.94
C LEU C 71 16.84 -14.63 44.36
N ILE C 72 16.85 -14.49 43.04
CA ILE C 72 16.00 -13.47 42.42
C ILE C 72 14.51 -13.83 42.55
N GLY C 73 14.17 -15.10 42.36
CA GLY C 73 12.81 -15.54 42.61
C GLY C 73 12.37 -15.25 44.04
N GLU C 74 13.26 -15.52 45.01
CA GLU C 74 12.95 -15.29 46.42
C GLU C 74 12.75 -13.82 46.73
N ARG C 75 13.53 -12.96 46.07
CA ARG C 75 13.42 -11.51 46.28
C ARG C 75 12.02 -11.03 45.90
N TYR C 76 11.55 -11.47 44.74
CA TYR C 76 10.21 -11.06 44.31
C TYR C 76 9.13 -11.75 45.14
N GLN C 77 9.37 -13.00 45.50
CA GLN C 77 8.44 -13.68 46.38
C GLN C 77 8.24 -12.90 47.67
N THR C 78 9.34 -12.45 48.28
CA THR C 78 9.27 -11.67 49.51
C THR C 78 8.50 -10.36 49.30
N ILE C 79 8.77 -9.67 48.20
CA ILE C 79 8.08 -8.41 47.90
C ILE C 79 6.58 -8.60 47.79
N PHE C 80 6.14 -9.54 46.97
CA PHE C 80 4.70 -9.71 46.76
C PHE C 80 4.00 -10.31 47.97
N SER C 81 4.68 -11.23 48.67
CA SER C 81 4.15 -11.76 49.91
C SER C 81 3.89 -10.63 50.91
N ASP C 82 4.81 -9.67 50.98
CA ASP C 82 4.66 -8.55 51.91
C ASP C 82 3.49 -7.63 51.52
N MET C 83 3.27 -7.46 50.23
CA MET C 83 2.10 -6.72 49.76
C MET C 83 0.79 -7.40 50.15
N GLY C 84 0.83 -8.72 50.24
CA GLY C 84 -0.33 -9.51 50.66
C GLY C 84 -1.05 -10.10 49.47
N VAL C 85 -0.94 -11.42 49.31
CA VAL C 85 -1.55 -12.13 48.18
C VAL C 85 -2.16 -13.43 48.66
N LYS C 86 -2.89 -14.11 47.78
CA LYS C 86 -3.49 -15.41 48.10
C LYS C 86 -2.48 -16.55 47.98
N GLU C 87 -1.64 -16.48 46.94
CA GLU C 87 -0.63 -17.50 46.73
C GLU C 87 0.47 -17.01 45.77
N LEU C 88 1.68 -17.50 46.02
CA LEU C 88 2.85 -17.24 45.18
C LEU C 88 3.54 -18.53 44.86
N LYS C 89 4.12 -18.61 43.65
CA LYS C 89 4.98 -19.73 43.28
C LYS C 89 6.09 -19.27 42.35
N VAL C 90 7.31 -19.71 42.66
CA VAL C 90 8.43 -19.47 41.77
C VAL C 90 8.45 -20.63 40.77
N LEU C 91 8.24 -20.29 39.50
CA LEU C 91 8.23 -21.27 38.45
C LEU C 91 9.65 -21.36 37.95
N ASP C 92 10.45 -22.15 38.69
CA ASP C 92 11.90 -22.17 38.51
C ASP C 92 12.22 -23.15 37.39
N ILE C 93 11.95 -22.69 36.17
CA ILE C 93 12.22 -23.46 34.97
C ILE C 93 13.68 -23.25 34.60
N ARG C 94 14.48 -24.32 34.63
CA ARG C 94 15.91 -24.24 34.36
C ARG C 94 16.34 -25.11 33.19
N ASP C 95 15.41 -25.89 32.65
CA ASP C 95 15.68 -26.68 31.46
C ASP C 95 14.38 -26.86 30.68
N ARG C 96 14.52 -27.34 29.45
CA ARG C 96 13.38 -27.70 28.62
C ARG C 96 13.11 -29.19 28.78
N GLY C 103 4.01 -29.24 39.28
CA GLY C 103 2.78 -28.48 39.48
C GLY C 103 2.73 -27.12 38.80
N TYR C 104 3.68 -26.86 37.91
CA TYR C 104 3.73 -25.55 37.25
C TYR C 104 2.57 -25.35 36.31
N ARG C 105 2.23 -26.39 35.57
CA ARG C 105 1.12 -26.27 34.63
C ARG C 105 -0.18 -25.99 35.37
N LEU C 106 -0.43 -26.71 36.46
CA LEU C 106 -1.60 -26.43 37.28
C LEU C 106 -1.59 -25.00 37.78
N PHE C 107 -0.44 -24.54 38.22
CA PHE C 107 -0.36 -23.20 38.79
C PHE C 107 -0.72 -22.18 37.71
N VAL C 108 -0.25 -22.40 36.48
CA VAL C 108 -0.56 -21.48 35.38
C VAL C 108 -2.07 -21.47 35.08
N GLU C 109 -2.76 -22.61 35.22
CA GLU C 109 -4.21 -22.63 35.04
C GLU C 109 -4.92 -21.82 36.11
N GLN C 110 -4.32 -21.78 37.30
CA GLN C 110 -4.93 -21.16 38.47
C GLN C 110 -4.57 -19.68 38.64
N CYS C 111 -3.45 -19.26 38.07
CA CYS C 111 -2.88 -17.96 38.44
C CYS C 111 -3.69 -16.76 37.92
N THR C 112 -3.36 -15.59 38.47
CA THR C 112 -3.95 -14.34 38.04
C THR C 112 -2.89 -13.38 37.47
N GLY C 113 -1.61 -13.70 37.64
CA GLY C 113 -0.55 -12.87 37.11
C GLY C 113 0.75 -13.62 37.09
N ILE C 114 1.58 -13.27 36.11
CA ILE C 114 2.91 -13.83 35.95
C ILE C 114 3.93 -12.69 35.85
N PHE C 115 5.05 -12.84 36.57
CA PHE C 115 6.14 -11.88 36.59
C PHE C 115 7.42 -12.54 36.09
N MET C 116 8.01 -11.99 35.02
CA MET C 116 9.27 -12.47 34.48
C MET C 116 10.41 -11.55 34.93
N THR C 117 11.36 -12.10 35.66
CA THR C 117 12.46 -11.33 36.23
C THR C 117 13.53 -11.04 35.18
N GLY C 118 14.49 -10.19 35.56
CA GLY C 118 15.64 -9.93 34.72
C GLY C 118 16.66 -11.05 34.70
N GLY C 119 17.70 -10.82 33.93
CA GLY C 119 18.72 -11.81 33.64
C GLY C 119 19.18 -11.58 32.21
N ASP C 120 19.17 -12.64 31.41
CA ASP C 120 19.51 -12.55 30.00
C ASP C 120 18.31 -12.97 29.16
N GLN C 121 17.93 -12.13 28.21
CA GLN C 121 16.74 -12.39 27.43
C GLN C 121 16.87 -13.54 26.44
N LEU C 122 18.06 -13.79 25.90
CA LEU C 122 18.25 -15.00 25.08
C LEU C 122 18.06 -16.25 25.90
N ARG C 123 18.57 -16.23 27.14
CA ARG C 123 18.40 -17.38 28.04
C ARG C 123 16.93 -17.63 28.33
N LEU C 124 16.19 -16.55 28.66
CA LEU C 124 14.76 -16.64 28.95
C LEU C 124 13.99 -17.23 27.78
N CYS C 125 14.23 -16.71 26.57
CA CYS C 125 13.59 -17.27 25.37
C CYS C 125 14.00 -18.69 25.11
N GLY C 126 15.26 -19.02 25.34
CA GLY C 126 15.74 -20.38 25.11
C GLY C 126 14.99 -21.38 25.95
N LEU C 127 14.59 -20.99 27.16
CA LEU C 127 13.90 -21.90 28.08
C LEU C 127 12.38 -21.94 27.92
N LEU C 128 11.79 -20.87 27.41
CA LEU C 128 10.32 -20.71 27.38
C LEU C 128 9.70 -20.82 25.99
N ALA C 129 10.42 -20.40 24.95
CA ALA C 129 9.85 -20.38 23.60
C ALA C 129 9.41 -21.78 23.18
N ASP C 130 8.27 -21.86 22.52
CA ASP C 130 7.78 -23.11 21.95
C ASP C 130 7.65 -24.16 23.04
N THR C 131 7.18 -23.75 24.22
CA THR C 131 6.78 -24.70 25.27
C THR C 131 5.29 -24.61 25.58
N PRO C 132 4.67 -25.73 25.97
CA PRO C 132 3.26 -25.69 26.36
C PRO C 132 2.96 -24.68 27.46
N LEU C 133 3.84 -24.56 28.44
CA LEU C 133 3.61 -23.69 29.57
C LEU C 133 3.58 -22.24 29.08
N MET C 134 4.54 -21.89 28.25
CA MET C 134 4.60 -20.52 27.76
C MET C 134 3.46 -20.26 26.82
N ASP C 135 3.10 -21.25 26.01
CA ASP C 135 1.97 -21.08 25.10
C ASP C 135 0.69 -20.81 25.89
N ARG C 136 0.54 -21.47 27.02
CA ARG C 136 -0.66 -21.27 27.84
C ARG C 136 -0.67 -19.91 28.55
N ILE C 137 0.48 -19.49 29.07
CA ILE C 137 0.62 -18.14 29.63
C ILE C 137 0.24 -17.11 28.55
N ARG C 138 0.80 -17.24 27.36
CA ARG C 138 0.51 -16.30 26.28
C ARG C 138 -0.98 -16.28 25.96
N GLN C 139 -1.60 -17.45 25.93
CA GLN C 139 -3.01 -17.54 25.61
C GLN C 139 -3.88 -16.86 26.67
N ARG C 140 -3.58 -17.12 27.94
CA ARG C 140 -4.35 -16.51 29.01
C ARG C 140 -4.14 -15.00 29.04
N VAL C 141 -2.95 -14.54 28.69
CA VAL C 141 -2.73 -13.09 28.59
C VAL C 141 -3.53 -12.53 27.42
N HIS C 142 -3.42 -13.16 26.26
CA HIS C 142 -4.10 -12.69 25.08
C HIS C 142 -5.63 -12.67 25.22
N ASN C 143 -6.16 -13.60 26.01
CA ASN C 143 -7.59 -13.66 26.27
C ASN C 143 -8.07 -12.75 27.41
N GLY C 144 -7.15 -11.98 28.00
CA GLY C 144 -7.50 -10.99 29.00
C GLY C 144 -7.78 -11.60 30.36
N GLU C 145 -7.26 -12.80 30.60
CA GLU C 145 -7.52 -13.53 31.84
C GLU C 145 -6.52 -13.24 32.95
N ILE C 146 -5.27 -12.97 32.58
CA ILE C 146 -4.21 -12.74 33.56
C ILE C 146 -3.34 -11.56 33.18
N SER C 147 -2.69 -10.98 34.16
CA SER C 147 -1.68 -9.96 33.91
C SER C 147 -0.31 -10.58 33.71
N LEU C 148 0.54 -9.89 32.96
CA LEU C 148 1.92 -10.31 32.73
C LEU C 148 2.81 -9.12 32.89
N ALA C 149 3.89 -9.26 33.66
CA ALA C 149 4.90 -8.21 33.75
C ALA C 149 6.24 -8.84 33.46
N GLY C 150 7.13 -8.03 32.88
CA GLY C 150 8.51 -8.43 32.68
C GLY C 150 9.41 -7.24 32.87
N THR C 151 10.54 -7.47 33.54
CA THR C 151 11.50 -6.42 33.77
C THR C 151 12.87 -6.78 33.18
N SER C 152 13.55 -5.78 32.62
CA SER C 152 14.89 -5.96 32.05
C SER C 152 14.81 -7.05 30.97
N ALA C 153 15.52 -8.17 31.11
CA ALA C 153 15.35 -9.28 30.16
C ALA C 153 13.89 -9.65 29.95
N GLY C 154 13.10 -9.64 31.04
CA GLY C 154 11.68 -9.97 30.97
C GLY C 154 10.87 -9.01 30.11
N ALA C 155 11.36 -7.76 29.99
CA ALA C 155 10.75 -6.76 29.12
C ALA C 155 11.14 -6.99 27.67
N ALA C 156 12.42 -7.30 27.47
CA ALA C 156 12.98 -7.43 26.14
C ALA C 156 12.26 -8.49 25.33
N VAL C 157 11.81 -9.55 26.01
CA VAL C 157 11.19 -10.68 25.31
C VAL C 157 9.74 -10.43 24.90
N MET C 158 9.19 -9.27 25.22
CA MET C 158 7.76 -9.05 24.95
C MET C 158 7.41 -9.01 23.49
N GLY C 159 8.30 -8.47 22.66
CA GLY C 159 8.01 -8.40 21.25
C GLY C 159 8.25 -9.71 20.52
N HIS C 160 7.82 -9.78 19.27
CA HIS C 160 8.20 -10.89 18.40
C HIS C 160 9.66 -10.75 17.99
N HIS C 161 10.06 -9.54 17.62
CA HIS C 161 11.45 -9.21 17.39
C HIS C 161 11.97 -8.59 18.66
N MET C 162 13.19 -8.97 19.02
CA MET C 162 13.78 -8.63 20.28
C MET C 162 15.18 -8.08 20.08
N ILE C 163 15.53 -7.10 20.91
CA ILE C 163 16.91 -6.62 21.01
C ILE C 163 17.61 -7.48 22.06
N ALA C 164 18.52 -8.33 21.60
CA ALA C 164 19.26 -9.25 22.45
C ALA C 164 20.55 -8.66 23.01
N GLY C 165 20.99 -7.55 22.42
CA GLY C 165 22.27 -6.96 22.78
C GLY C 165 22.58 -5.80 21.86
N GLY C 166 23.71 -5.16 22.13
CA GLY C 166 24.18 -4.06 21.29
C GLY C 166 24.74 -2.97 22.15
N SER C 167 25.41 -2.03 21.51
CA SER C 167 26.23 -1.08 22.23
C SER C 167 25.67 0.33 22.05
N SER C 168 26.41 1.28 22.59
CA SER C 168 26.09 2.71 22.47
C SER C 168 27.34 3.45 21.99
N GLY C 169 27.31 4.78 21.92
CA GLY C 169 28.49 5.53 21.54
C GLY C 169 28.83 5.49 20.06
N GLU C 170 27.85 5.12 19.25
CA GLU C 170 27.99 5.05 17.80
C GLU C 170 26.74 5.60 17.15
N TRP C 171 26.88 6.11 15.93
CA TRP C 171 25.69 6.37 15.12
C TRP C 171 24.95 5.07 14.80
N PRO C 172 23.65 5.18 14.52
CA PRO C 172 22.91 3.97 14.17
C PRO C 172 23.49 3.25 12.96
N ASN C 173 23.61 1.94 13.10
CA ASN C 173 24.08 1.07 12.01
C ASN C 173 23.63 -0.32 12.37
N ARG C 174 23.42 -1.16 11.36
CA ARG C 174 22.87 -2.47 11.64
C ARG C 174 23.70 -3.30 12.59
N ALA C 175 25.02 -3.17 12.50
CA ALA C 175 25.92 -3.98 13.31
C ALA C 175 25.91 -3.54 14.79
N LEU C 176 25.29 -2.39 15.09
CA LEU C 176 25.20 -1.92 16.47
C LEU C 176 24.23 -2.71 17.34
N VAL C 177 23.28 -3.39 16.72
CA VAL C 177 22.24 -4.08 17.48
C VAL C 177 22.25 -5.57 17.13
N ASP C 178 21.97 -6.39 18.14
CA ASP C 178 21.85 -7.85 17.98
C ASP C 178 20.38 -8.19 18.09
N MET C 179 19.77 -8.56 16.96
CA MET C 179 18.38 -8.89 16.90
C MET C 179 18.15 -10.38 17.06
N ALA C 180 17.02 -10.72 17.68
CA ALA C 180 16.66 -12.11 17.91
C ALA C 180 15.15 -12.21 17.97
N VAL C 181 14.65 -13.41 18.17
CA VAL C 181 13.23 -13.62 18.28
C VAL C 181 12.84 -13.64 19.75
N GLY C 182 11.79 -12.89 20.08
CA GLY C 182 11.24 -12.85 21.41
C GLY C 182 10.06 -13.80 21.58
N LEU C 183 9.25 -13.54 22.61
CA LEU C 183 8.14 -14.42 22.97
C LEU C 183 6.83 -13.98 22.35
N GLY C 184 6.79 -12.82 21.69
CA GLY C 184 5.62 -12.45 20.88
C GLY C 184 4.39 -12.21 21.71
N ILE C 185 4.57 -11.59 22.87
CA ILE C 185 3.45 -11.22 23.70
C ILE C 185 2.73 -10.00 23.11
N VAL C 186 3.55 -9.03 22.68
N VAL C 186 3.45 -9.00 22.61
CA VAL C 186 3.14 -7.84 21.96
CA VAL C 186 2.80 -7.77 22.16
C VAL C 186 3.99 -7.79 20.69
C VAL C 186 3.05 -7.54 20.67
N PRO C 187 3.56 -8.49 19.64
N PRO C 187 1.97 -7.39 19.88
CA PRO C 187 4.32 -8.64 18.41
CA PRO C 187 2.19 -7.25 18.45
C PRO C 187 4.56 -7.37 17.58
C PRO C 187 2.79 -5.91 18.00
N GLU C 188 3.79 -6.30 17.81
N GLU C 188 3.65 -6.00 17.01
CA GLU C 188 3.82 -5.12 16.91
CA GLU C 188 4.17 -4.84 16.34
C GLU C 188 4.79 -4.01 17.35
C GLU C 188 4.92 -3.87 17.29
N ILE C 189 5.59 -4.36 18.35
CA ILE C 189 6.53 -3.49 19.01
C ILE C 189 7.92 -4.12 19.13
N VAL C 190 8.91 -3.26 19.32
CA VAL C 190 10.23 -3.71 19.71
C VAL C 190 10.62 -2.92 20.97
N VAL C 191 11.04 -3.63 22.03
CA VAL C 191 11.33 -3.06 23.31
C VAL C 191 12.82 -2.91 23.52
N ASP C 192 13.22 -1.77 24.07
CA ASP C 192 14.52 -1.71 24.69
C ASP C 192 14.36 -1.26 26.14
N GLN C 193 15.36 -1.55 26.95
CA GLN C 193 15.25 -1.37 28.39
C GLN C 193 16.57 -0.84 28.97
N HIS C 194 16.54 -0.43 30.23
CA HIS C 194 17.60 0.42 30.86
C HIS C 194 17.96 1.54 29.89
N PHE C 195 16.93 2.17 29.32
CA PHE C 195 17.08 2.81 28.02
C PHE C 195 18.01 4.03 28.03
N HIS C 196 17.57 5.11 28.67
CA HIS C 196 18.43 6.31 28.68
C HIS C 196 19.64 6.10 29.55
N ASN C 197 19.47 5.25 30.55
CA ASN C 197 20.51 5.00 31.53
C ASN C 197 21.75 4.40 30.87
N ARG C 198 21.52 3.60 29.84
CA ARG C 198 22.60 2.99 29.04
C ARG C 198 22.71 3.57 27.61
N ASN C 199 22.09 4.72 27.37
CA ASN C 199 22.22 5.43 26.09
C ASN C 199 21.85 4.53 24.91
N ARG C 200 20.70 3.86 25.01
CA ARG C 200 20.32 2.86 24.01
C ARG C 200 19.53 3.35 22.80
N MET C 201 19.33 4.66 22.66
CA MET C 201 18.55 5.13 21.53
C MET C 201 19.17 4.70 20.20
N ALA C 202 20.49 4.78 20.03
CA ALA C 202 21.05 4.41 18.73
C ALA C 202 20.80 2.95 18.39
N ARG C 203 20.95 2.06 19.36
CA ARG C 203 20.69 0.63 19.07
C ARG C 203 19.21 0.40 18.80
N LEU C 204 18.34 1.11 19.49
CA LEU C 204 16.90 1.04 19.18
C LEU C 204 16.58 1.54 17.78
N LEU C 205 17.15 2.68 17.40
CA LEU C 205 16.99 3.18 16.03
C LEU C 205 17.49 2.17 14.98
N SER C 206 18.59 1.50 15.32
CA SER C 206 19.15 0.48 14.43
C SER C 206 18.19 -0.70 14.27
N ALA C 207 17.52 -1.09 15.36
CA ALA C 207 16.53 -2.18 15.35
C ALA C 207 15.33 -1.76 14.51
N ILE C 208 14.86 -0.54 14.69
CA ILE C 208 13.70 -0.03 13.97
C ILE C 208 14.03 0.11 12.49
N SER C 209 15.27 0.44 12.15
CA SER C 209 15.65 0.45 10.75
C SER C 209 15.49 -0.91 10.11
N THR C 210 15.79 -1.96 10.87
CA THR C 210 15.70 -3.34 10.41
C THR C 210 14.22 -3.76 10.30
N HIS C 211 13.36 -3.19 11.14
CA HIS C 211 11.94 -3.54 11.22
C HIS C 211 11.06 -2.29 11.41
N PRO C 212 10.97 -1.43 10.38
CA PRO C 212 10.35 -0.11 10.60
C PRO C 212 8.83 -0.16 10.78
N GLU C 213 8.25 -1.33 10.57
CA GLU C 213 6.86 -1.55 10.89
C GLU C 213 6.61 -1.63 12.39
N LEU C 214 7.66 -1.80 13.19
CA LEU C 214 7.51 -2.03 14.65
C LEU C 214 7.63 -0.70 15.37
N LEU C 215 6.69 -0.43 16.24
CA LEU C 215 6.82 0.72 17.13
C LEU C 215 7.88 0.43 18.17
N GLY C 216 8.89 1.28 18.26
CA GLY C 216 9.93 1.11 19.28
C GLY C 216 9.51 1.72 20.60
N LEU C 217 9.79 1.01 21.68
CA LEU C 217 9.56 1.49 23.05
C LEU C 217 10.87 1.39 23.79
N GLY C 218 11.45 2.56 24.07
CA GLY C 218 12.68 2.63 24.83
C GLY C 218 12.33 2.98 26.27
N ILE C 219 12.44 2.01 27.17
CA ILE C 219 11.92 2.13 28.53
C ILE C 219 13.05 2.28 29.53
N ASP C 220 13.03 3.39 30.26
CA ASP C 220 14.07 3.68 31.23
C ASP C 220 13.97 2.78 32.47
N GLU C 221 15.06 2.73 33.24
CA GLU C 221 15.02 2.06 34.53
C GLU C 221 13.90 2.61 35.38
N ASP C 222 13.31 1.74 36.16
CA ASP C 222 12.23 2.07 37.09
C ASP C 222 11.11 2.84 36.42
N THR C 223 10.86 2.46 35.18
CA THR C 223 9.79 3.01 34.38
C THR C 223 9.09 1.85 33.69
N CYS C 224 7.79 2.03 33.42
CA CYS C 224 6.98 0.95 32.85
C CYS C 224 6.02 1.49 31.80
N ALA C 225 5.88 0.73 30.71
CA ALA C 225 4.81 0.91 29.73
C ALA C 225 3.78 -0.17 30.00
N MET C 226 2.60 0.25 30.44
CA MET C 226 1.54 -0.67 30.79
C MET C 226 0.50 -0.68 29.66
N PHE C 227 0.42 -1.83 28.98
CA PHE C 227 -0.49 -2.02 27.86
C PHE C 227 -1.84 -2.47 28.38
N GLU C 228 -2.86 -1.64 28.11
CA GLU C 228 -4.23 -1.90 28.53
C GLU C 228 -5.07 -2.52 27.43
N ARG C 229 -6.16 -3.21 27.80
CA ARG C 229 -6.99 -3.93 26.82
C ARG C 229 -7.61 -3.00 25.80
N ASP C 230 -7.81 -1.73 26.14
CA ASP C 230 -8.43 -0.81 25.19
C ASP C 230 -7.46 -0.30 24.13
N GLY C 231 -6.21 -0.74 24.15
CA GLY C 231 -5.22 -0.28 23.18
C GLY C 231 -4.32 0.82 23.67
N SER C 232 -4.62 1.41 24.82
CA SER C 232 -3.77 2.46 25.36
C SER C 232 -2.56 1.89 26.08
N VAL C 233 -1.53 2.72 26.24
CA VAL C 233 -0.30 2.36 26.92
C VAL C 233 -0.05 3.47 27.93
N LYS C 234 -0.17 3.15 29.21
CA LYS C 234 0.05 4.13 30.28
C LYS C 234 1.47 4.00 30.78
N VAL C 235 2.15 5.13 30.95
CA VAL C 235 3.49 5.14 31.49
C VAL C 235 3.43 5.31 33.02
N ILE C 236 4.23 4.53 33.75
CA ILE C 236 4.30 4.58 35.20
C ILE C 236 5.75 4.64 35.60
N GLY C 237 6.05 5.39 36.64
CA GLY C 237 7.36 5.29 37.28
C GLY C 237 8.23 6.53 37.18
N GLN C 238 9.53 6.34 37.24
CA GLN C 238 10.46 7.41 37.57
C GLN C 238 11.04 8.15 36.39
N GLY C 239 11.09 7.51 35.24
CA GLY C 239 11.78 8.05 34.08
C GLY C 239 10.84 8.23 32.90
N THR C 240 11.32 7.88 31.71
CA THR C 240 10.58 8.09 30.50
C THR C 240 10.44 6.80 29.69
N VAL C 241 9.45 6.80 28.80
CA VAL C 241 9.32 5.80 27.74
C VAL C 241 9.35 6.58 26.45
N SER C 242 10.25 6.19 25.55
CA SER C 242 10.38 6.80 24.21
C SER C 242 9.70 5.93 23.18
N PHE C 243 8.69 6.48 22.55
CA PHE C 243 7.97 5.82 21.47
C PHE C 243 8.60 6.31 20.18
N VAL C 244 9.20 5.39 19.42
CA VAL C 244 9.97 5.71 18.23
C VAL C 244 9.25 5.07 17.06
N ASP C 245 8.66 5.90 16.21
CA ASP C 245 7.72 5.46 15.19
C ASP C 245 8.24 5.79 13.80
N ALA C 246 8.61 4.75 13.06
CA ALA C 246 9.07 4.86 11.69
C ALA C 246 8.01 4.41 10.68
N ARG C 247 6.76 4.36 11.09
CA ARG C 247 5.70 3.89 10.19
C ARG C 247 5.35 4.93 9.07
N ASP C 248 5.64 6.20 9.32
CA ASP C 248 5.43 7.28 8.31
C ASP C 248 6.78 7.71 7.72
N MET C 249 7.81 6.88 7.84
CA MET C 249 9.15 7.24 7.35
C MET C 249 9.08 7.50 5.86
N SER C 250 9.67 8.62 5.44
CA SER C 250 9.63 9.04 4.04
C SER C 250 10.77 8.44 3.23
N TYR C 251 11.88 8.11 3.89
CA TYR C 251 13.04 7.55 3.24
C TYR C 251 13.97 6.97 4.27
N THR C 252 14.66 5.90 3.88
CA THR C 252 15.81 5.36 4.58
C THR C 252 16.80 4.81 3.58
N ASN C 253 18.09 4.96 3.88
CA ASN C 253 19.14 4.36 3.04
C ASN C 253 19.42 2.90 3.37
N ALA C 254 18.62 2.30 4.25
CA ALA C 254 18.95 1.00 4.83
C ALA C 254 19.24 -0.05 3.75
N ALA C 255 18.43 -0.09 2.69
CA ALA C 255 18.59 -1.10 1.64
C ALA C 255 19.84 -0.89 0.78
N LEU C 256 20.38 0.32 0.81
CA LEU C 256 21.46 0.71 -0.05
C LEU C 256 22.83 0.61 0.58
N VAL C 257 22.91 0.49 1.91
CA VAL C 257 24.21 0.57 2.58
C VAL C 257 24.57 -0.68 3.34
N GLY C 258 25.85 -0.80 3.68
CA GLY C 258 26.39 -1.94 4.37
C GLY C 258 26.01 -2.02 5.82
N ALA C 259 26.34 -3.16 6.40
CA ALA C 259 25.97 -3.46 7.78
C ALA C 259 26.60 -2.53 8.81
N ASN C 260 27.72 -1.93 8.47
CA ASN C 260 28.44 -1.09 9.42
C ASN C 260 28.37 0.38 9.08
N ALA C 261 27.58 0.70 8.06
CA ALA C 261 27.46 2.05 7.56
C ALA C 261 26.37 2.83 8.31
N PRO C 262 26.51 4.17 8.40
CA PRO C 262 25.46 4.92 9.09
C PRO C 262 24.14 4.86 8.37
N LEU C 263 23.08 4.72 9.18
CA LEU C 263 21.71 4.66 8.69
C LEU C 263 21.05 6.03 8.73
N SER C 264 20.28 6.32 7.67
CA SER C 264 19.40 7.48 7.68
C SER C 264 17.95 7.03 7.82
N LEU C 265 17.19 7.85 8.53
CA LEU C 265 15.79 7.58 8.83
C LEU C 265 15.09 8.92 8.81
N HIS C 266 14.24 9.14 7.80
CA HIS C 266 13.60 10.43 7.60
C HIS C 266 12.15 10.38 8.01
N ASN C 267 11.71 11.44 8.68
CA ASN C 267 10.29 11.59 9.11
C ASN C 267 9.88 10.57 10.18
N LEU C 268 10.72 10.35 11.16
CA LEU C 268 10.33 9.61 12.36
C LEU C 268 9.50 10.48 13.30
N ARG C 269 8.59 9.85 14.03
CA ARG C 269 7.84 10.52 15.08
C ARG C 269 8.32 10.00 16.39
N LEU C 270 8.66 10.93 17.27
CA LEU C 270 9.20 10.60 18.60
C LEU C 270 8.27 11.19 19.64
N ASN C 271 7.85 10.34 20.57
CA ASN C 271 7.11 10.75 21.74
C ASN C 271 7.80 10.28 23.00
N ILE C 272 8.20 11.20 23.84
CA ILE C 272 8.85 10.87 25.12
C ILE C 272 7.85 11.14 26.21
N LEU C 273 7.48 10.09 26.92
CA LEU C 273 6.38 10.16 27.93
C LEU C 273 6.90 9.88 29.31
N VAL C 274 6.20 10.45 30.29
CA VAL C 274 6.49 10.26 31.69
C VAL C 274 5.26 9.75 32.43
N HIS C 275 5.46 9.48 33.71
CA HIS C 275 4.43 8.93 34.55
C HIS C 275 3.08 9.62 34.33
N GLY C 276 2.05 8.81 34.07
CA GLY C 276 0.67 9.29 34.00
C GLY C 276 0.20 9.54 32.57
N GLU C 277 1.16 9.72 31.67
CA GLU C 277 0.85 10.03 30.28
C GLU C 277 0.51 8.75 29.52
N VAL C 278 -0.17 8.89 28.39
CA VAL C 278 -0.74 7.76 27.67
C VAL C 278 -0.39 7.84 26.18
N TYR C 279 0.00 6.72 25.61
CA TYR C 279 0.17 6.62 24.16
C TYR C 279 -1.00 5.76 23.69
N HIS C 280 -1.81 6.26 22.75
CA HIS C 280 -2.93 5.48 22.29
C HIS C 280 -2.55 4.80 20.99
N GLN C 281 -2.49 3.48 21.01
CA GLN C 281 -1.97 2.76 19.84
C GLN C 281 -2.82 2.90 18.59
N VAL C 282 -4.14 2.92 18.72
CA VAL C 282 -4.99 3.06 17.53
C VAL C 282 -4.81 4.45 16.91
N LYS C 283 -4.84 5.48 17.75
CA LYS C 283 -4.68 6.87 17.32
C LYS C 283 -3.25 7.16 16.87
N GLN C 284 -2.30 6.35 17.34
CA GLN C 284 -0.87 6.59 17.15
C GLN C 284 -0.45 7.97 17.66
N ARG C 285 -0.95 8.35 18.83
CA ARG C 285 -0.69 9.68 19.38
C ARG C 285 -0.65 9.56 20.88
N ALA C 286 0.11 10.48 21.50
CA ALA C 286 0.28 10.54 22.95
C ALA C 286 -0.58 11.67 23.50
N PHE C 287 -0.88 11.54 24.79
CA PHE C 287 -1.68 12.51 25.50
C PHE C 287 -1.16 12.69 26.90
N PRO C 288 -1.35 13.89 27.46
CA PRO C 288 -0.99 14.10 28.84
C PRO C 288 -1.99 13.36 29.70
N ARG C 289 -1.72 13.23 30.98
CA ARG C 289 -2.74 12.68 31.88
C ARG C 289 -3.97 13.58 31.87
#